data_326D
# 
_entry.id   326D 
# 
_audit_conform.dict_name       mmcif_pdbx.dic 
_audit_conform.dict_version    5.387 
_audit_conform.dict_location   http://mmcif.pdb.org/dictionaries/ascii/mmcif_pdbx.dic 
# 
loop_
_database_2.database_id 
_database_2.database_code 
_database_2.pdbx_database_accession 
_database_2.pdbx_DOI 
PDB   326D         pdb_0000326d 10.2210/pdb326d/pdb 
RCSB  ADJB87       ?            ?                   
WWPDB D_1000178795 ?            ?                   
# 
loop_
_pdbx_audit_revision_history.ordinal 
_pdbx_audit_revision_history.data_content_type 
_pdbx_audit_revision_history.major_revision 
_pdbx_audit_revision_history.minor_revision 
_pdbx_audit_revision_history.revision_date 
1 'Structure model' 1 0 1997-05-22 
2 'Structure model' 1 1 2008-05-22 
3 'Structure model' 1 2 2011-07-13 
4 'Structure model' 1 3 2024-02-21 
# 
_pdbx_audit_revision_details.ordinal             1 
_pdbx_audit_revision_details.revision_ordinal    1 
_pdbx_audit_revision_details.data_content_type   'Structure model' 
_pdbx_audit_revision_details.provider            repository 
_pdbx_audit_revision_details.type                'Initial release' 
_pdbx_audit_revision_details.description         ? 
_pdbx_audit_revision_details.details             ? 
# 
loop_
_pdbx_audit_revision_group.ordinal 
_pdbx_audit_revision_group.revision_ordinal 
_pdbx_audit_revision_group.data_content_type 
_pdbx_audit_revision_group.group 
1 2 'Structure model' 'Version format compliance' 
2 3 'Structure model' 'Version format compliance' 
3 4 'Structure model' 'Data collection'           
4 4 'Structure model' 'Database references'       
5 4 'Structure model' 'Derived calculations'      
# 
loop_
_pdbx_audit_revision_category.ordinal 
_pdbx_audit_revision_category.revision_ordinal 
_pdbx_audit_revision_category.data_content_type 
_pdbx_audit_revision_category.category 
1 4 'Structure model' chem_comp_atom 
2 4 'Structure model' chem_comp_bond 
3 4 'Structure model' database_2     
4 4 'Structure model' struct_conn    
5 4 'Structure model' struct_site    
# 
loop_
_pdbx_audit_revision_item.ordinal 
_pdbx_audit_revision_item.revision_ordinal 
_pdbx_audit_revision_item.data_content_type 
_pdbx_audit_revision_item.item 
1 4 'Structure model' '_database_2.pdbx_DOI'                
2 4 'Structure model' '_database_2.pdbx_database_accession' 
3 4 'Structure model' '_struct_conn.pdbx_leaving_atom_flag' 
4 4 'Structure model' '_struct_site.pdbx_auth_asym_id'      
5 4 'Structure model' '_struct_site.pdbx_auth_comp_id'      
6 4 'Structure model' '_struct_site.pdbx_auth_seq_id'       
# 
_pdbx_database_status.status_code                     REL 
_pdbx_database_status.entry_id                        326D 
_pdbx_database_status.recvd_initial_deposition_date   1997-03-17 
_pdbx_database_status.deposit_site                    NDB 
_pdbx_database_status.process_site                    NDB 
_pdbx_database_status.status_code_sf                  REL 
_pdbx_database_status.status_code_mr                  ? 
_pdbx_database_status.SG_entry                        ? 
_pdbx_database_status.pdb_format_compatible           Y 
_pdbx_database_status.status_code_cs                  ? 
_pdbx_database_status.status_code_nmr_data            ? 
_pdbx_database_status.methods_development_category    ? 
# 
loop_
_audit_author.name 
_audit_author.pdbx_ordinal 
'Tippin, D.B.'      1 
'Sundaralingam, M.' 2 
# 
_citation.id                        primary 
_citation.title                     
;Nine polymorphic crystal structures of d(CCGGGCCCGG), d(CCGGGCCm5CGG), d(Cm5CGGGCCm5CGG) and d(CCGGGCC(Br)5CGG) in three different conformations: effects of spermine binding and methylation on the bending and condensation of A-DNA.
;
_citation.journal_abbrev            J.Mol.Biol. 
_citation.journal_volume            267 
_citation.page_first                1171 
_citation.page_last                 1185 
_citation.year                      1997 
_citation.journal_id_ASTM           JMOBAK 
_citation.country                   UK 
_citation.journal_id_ISSN           0022-2836 
_citation.journal_id_CSD            0070 
_citation.book_publisher            ? 
_citation.pdbx_database_id_PubMed   9150405 
_citation.pdbx_database_id_DOI      10.1006/jmbi.1997.0945 
# 
loop_
_citation_author.citation_id 
_citation_author.name 
_citation_author.ordinal 
_citation_author.identifier_ORCID 
primary 'Tippin, D.B.'      1 ? 
primary 'Sundaralingam, M.' 2 ? 
# 
loop_
_entity.id 
_entity.type 
_entity.src_method 
_entity.pdbx_description 
_entity.formula_weight 
_entity.pdbx_number_of_molecules 
_entity.pdbx_ec 
_entity.pdbx_mutation 
_entity.pdbx_fragment 
_entity.details 
1 polymer     syn 
;DNA (5'-D(*CP*(5CM)P*GP*GP*GP*CP*CP*(5CM)P*GP*G)-3')
;
3075.035 2  ? ? ? ? 
2 non-polymer syn SPERMINE                                               202.340  1  ? ? ? ? 
3 water       nat water                                                  18.015   97 ? ? ? ? 
# 
_entity_poly.entity_id                      1 
_entity_poly.type                           polydeoxyribonucleotide 
_entity_poly.nstd_linkage                   no 
_entity_poly.nstd_monomer                   yes 
_entity_poly.pdbx_seq_one_letter_code       '(DC)(5CM)(DG)(DG)(DG)(DC)(DC)(5CM)(DG)(DG)' 
_entity_poly.pdbx_seq_one_letter_code_can   CCGGGCCCGG 
_entity_poly.pdbx_strand_id                 A,B 
_entity_poly.pdbx_target_identifier         ? 
# 
loop_
_pdbx_entity_nonpoly.entity_id 
_pdbx_entity_nonpoly.name 
_pdbx_entity_nonpoly.comp_id 
2 SPERMINE SPM 
3 water    HOH 
# 
loop_
_entity_poly_seq.entity_id 
_entity_poly_seq.num 
_entity_poly_seq.mon_id 
_entity_poly_seq.hetero 
1 1  DC  n 
1 2  5CM n 
1 3  DG  n 
1 4  DG  n 
1 5  DG  n 
1 6  DC  n 
1 7  DC  n 
1 8  5CM n 
1 9  DG  n 
1 10 DG  n 
# 
loop_
_chem_comp.id 
_chem_comp.type 
_chem_comp.mon_nstd_flag 
_chem_comp.name 
_chem_comp.pdbx_synonyms 
_chem_comp.formula 
_chem_comp.formula_weight 
5CM 'DNA linking' n "5-METHYL-2'-DEOXY-CYTIDINE-5'-MONOPHOSPHATE" ? 'C10 H16 N3 O7 P' 321.224 
DC  'DNA linking' y "2'-DEOXYCYTIDINE-5'-MONOPHOSPHATE"           ? 'C9 H14 N3 O7 P'  307.197 
DG  'DNA linking' y "2'-DEOXYGUANOSINE-5'-MONOPHOSPHATE"          ? 'C10 H14 N5 O7 P' 347.221 
HOH non-polymer   . WATER                                         ? 'H2 O'            18.015  
SPM non-polymer   . SPERMINE                                      ? 'C10 H26 N4'      202.340 
# 
loop_
_pdbx_poly_seq_scheme.asym_id 
_pdbx_poly_seq_scheme.entity_id 
_pdbx_poly_seq_scheme.seq_id 
_pdbx_poly_seq_scheme.mon_id 
_pdbx_poly_seq_scheme.ndb_seq_num 
_pdbx_poly_seq_scheme.pdb_seq_num 
_pdbx_poly_seq_scheme.auth_seq_num 
_pdbx_poly_seq_scheme.pdb_mon_id 
_pdbx_poly_seq_scheme.auth_mon_id 
_pdbx_poly_seq_scheme.pdb_strand_id 
_pdbx_poly_seq_scheme.pdb_ins_code 
_pdbx_poly_seq_scheme.hetero 
A 1 1  DC  1  1  1  DC  C  A . n 
A 1 2  5CM 2  2  2  5CM +C A . n 
A 1 3  DG  3  3  3  DG  G  A . n 
A 1 4  DG  4  4  4  DG  G  A . n 
A 1 5  DG  5  5  5  DG  G  A . n 
A 1 6  DC  6  6  6  DC  C  A . n 
A 1 7  DC  7  7  7  DC  C  A . n 
A 1 8  5CM 8  8  8  5CM +C A . n 
A 1 9  DG  9  9  9  DG  G  A . n 
A 1 10 DG  10 10 10 DG  G  A . n 
B 1 1  DC  1  11 11 DC  C  B . n 
B 1 2  5CM 2  12 12 5CM +C B . n 
B 1 3  DG  3  13 13 DG  G  B . n 
B 1 4  DG  4  14 14 DG  G  B . n 
B 1 5  DG  5  15 15 DG  G  B . n 
B 1 6  DC  6  16 16 DC  C  B . n 
B 1 7  DC  7  17 17 DC  C  B . n 
B 1 8  5CM 8  18 18 5CM +C B . n 
B 1 9  DG  9  19 19 DG  G  B . n 
B 1 10 DG  10 20 20 DG  G  B . n 
# 
loop_
_pdbx_nonpoly_scheme.asym_id 
_pdbx_nonpoly_scheme.entity_id 
_pdbx_nonpoly_scheme.mon_id 
_pdbx_nonpoly_scheme.ndb_seq_num 
_pdbx_nonpoly_scheme.pdb_seq_num 
_pdbx_nonpoly_scheme.auth_seq_num 
_pdbx_nonpoly_scheme.pdb_mon_id 
_pdbx_nonpoly_scheme.auth_mon_id 
_pdbx_nonpoly_scheme.pdb_strand_id 
_pdbx_nonpoly_scheme.pdb_ins_code 
C 2 SPM 1  25  25  SPM SPM B . 
D 3 HOH 1  26  26  HOH HOH A . 
D 3 HOH 2  28  28  HOH HOH A . 
D 3 HOH 3  29  29  HOH HOH A . 
D 3 HOH 4  30  30  HOH HOH A . 
D 3 HOH 5  31  31  HOH HOH A . 
D 3 HOH 6  32  32  HOH HOH A . 
D 3 HOH 7  33  33  HOH HOH A . 
D 3 HOH 8  34  34  HOH HOH A . 
D 3 HOH 9  35  35  HOH HOH A . 
D 3 HOH 10 36  36  HOH HOH A . 
D 3 HOH 11 37  37  HOH HOH A . 
D 3 HOH 12 38  38  HOH HOH A . 
D 3 HOH 13 39  39  HOH HOH A . 
D 3 HOH 14 41  41  HOH HOH A . 
D 3 HOH 15 42  42  HOH HOH A . 
D 3 HOH 16 44  44  HOH HOH A . 
D 3 HOH 17 46  46  HOH HOH A . 
D 3 HOH 18 47  47  HOH HOH A . 
D 3 HOH 19 48  48  HOH HOH A . 
D 3 HOH 20 49  49  HOH HOH A . 
D 3 HOH 21 50  50  HOH HOH A . 
D 3 HOH 22 51  51  HOH HOH A . 
D 3 HOH 23 52  52  HOH HOH A . 
D 3 HOH 24 53  53  HOH HOH A . 
D 3 HOH 25 54  54  HOH HOH A . 
D 3 HOH 26 55  55  HOH HOH A . 
D 3 HOH 27 56  56  HOH HOH A . 
D 3 HOH 28 57  57  HOH HOH A . 
D 3 HOH 29 59  59  HOH HOH A . 
D 3 HOH 30 60  60  HOH HOH A . 
D 3 HOH 31 65  65  HOH HOH A . 
D 3 HOH 32 73  73  HOH HOH A . 
D 3 HOH 33 80  80  HOH HOH A . 
D 3 HOH 34 81  81  HOH HOH A . 
D 3 HOH 35 87  87  HOH HOH A . 
D 3 HOH 36 90  90  HOH HOH A . 
D 3 HOH 37 91  91  HOH HOH A . 
D 3 HOH 38 92  92  HOH HOH A . 
D 3 HOH 39 93  93  HOH HOH A . 
D 3 HOH 40 104 104 HOH HOH A . 
D 3 HOH 41 105 105 HOH HOH A . 
D 3 HOH 42 107 107 HOH HOH A . 
D 3 HOH 43 110 110 HOH HOH A . 
D 3 HOH 44 111 111 HOH HOH A . 
D 3 HOH 45 112 112 HOH HOH A . 
D 3 HOH 46 113 113 HOH HOH A . 
E 3 HOH 1  27  27  HOH HOH B . 
E 3 HOH 2  40  40  HOH HOH B . 
E 3 HOH 3  43  43  HOH HOH B . 
E 3 HOH 4  45  45  HOH HOH B . 
E 3 HOH 5  58  58  HOH HOH B . 
E 3 HOH 6  61  61  HOH HOH B . 
E 3 HOH 7  62  62  HOH HOH B . 
E 3 HOH 8  63  63  HOH HOH B . 
E 3 HOH 9  64  64  HOH HOH B . 
E 3 HOH 10 66  66  HOH HOH B . 
E 3 HOH 11 67  67  HOH HOH B . 
E 3 HOH 12 68  68  HOH HOH B . 
E 3 HOH 13 69  69  HOH HOH B . 
E 3 HOH 14 70  70  HOH HOH B . 
E 3 HOH 15 71  71  HOH HOH B . 
E 3 HOH 16 72  72  HOH HOH B . 
E 3 HOH 17 74  74  HOH HOH B . 
E 3 HOH 18 75  75  HOH HOH B . 
E 3 HOH 19 76  76  HOH HOH B . 
E 3 HOH 20 77  77  HOH HOH B . 
E 3 HOH 21 78  78  HOH HOH B . 
E 3 HOH 22 79  79  HOH HOH B . 
E 3 HOH 23 82  82  HOH HOH B . 
E 3 HOH 24 83  83  HOH HOH B . 
E 3 HOH 25 84  84  HOH HOH B . 
E 3 HOH 26 85  85  HOH HOH B . 
E 3 HOH 27 86  86  HOH HOH B . 
E 3 HOH 28 88  88  HOH HOH B . 
E 3 HOH 29 89  89  HOH HOH B . 
E 3 HOH 30 94  94  HOH HOH B . 
E 3 HOH 31 95  95  HOH HOH B . 
E 3 HOH 32 96  96  HOH HOH B . 
E 3 HOH 33 97  97  HOH HOH B . 
E 3 HOH 34 98  98  HOH HOH B . 
E 3 HOH 35 99  99  HOH HOH B . 
E 3 HOH 36 100 100 HOH HOH B . 
E 3 HOH 37 101 101 HOH HOH B . 
E 3 HOH 38 102 102 HOH HOH B . 
E 3 HOH 39 103 103 HOH HOH B . 
E 3 HOH 40 106 106 HOH HOH B . 
E 3 HOH 41 108 108 HOH HOH B . 
E 3 HOH 42 109 109 HOH HOH B . 
E 3 HOH 43 114 114 HOH HOH B . 
E 3 HOH 44 115 115 HOH HOH B . 
E 3 HOH 45 116 116 HOH HOH B . 
E 3 HOH 46 117 117 HOH HOH B . 
E 3 HOH 47 118 118 HOH HOH B . 
E 3 HOH 48 119 119 HOH HOH B . 
E 3 HOH 49 120 120 HOH HOH B . 
E 3 HOH 50 121 121 HOH HOH B . 
E 3 HOH 51 122 122 HOH HOH B . 
# 
loop_
_software.name 
_software.classification 
_software.version 
_software.citation_id 
_software.pdbx_ordinal 
X-PLOR refinement       . ? 1 
MSC    'data reduction' . ? 2 
# 
_cell.entry_id           326D 
_cell.length_a           24.830 
_cell.length_b           44.720 
_cell.length_c           47.910 
_cell.angle_alpha        90.00 
_cell.angle_beta         90.00 
_cell.angle_gamma        90.00 
_cell.Z_PDB              8 
_cell.pdbx_unique_axis   ? 
# 
_symmetry.entry_id                         326D 
_symmetry.space_group_name_H-M             'P 21 21 21' 
_symmetry.pdbx_full_space_group_name_H-M   ? 
_symmetry.cell_setting                     ? 
_symmetry.Int_Tables_number                19 
# 
_exptl.entry_id          326D 
_exptl.method            'X-RAY DIFFRACTION' 
_exptl.crystals_number   ? 
# 
_exptl_crystal.id                    1 
_exptl_crystal.density_meas          ? 
_exptl_crystal.density_Matthews      2.16 
_exptl_crystal.density_percent_sol   43.12 
_exptl_crystal.description           ? 
# 
_exptl_crystal_grow.crystal_id      1 
_exptl_crystal_grow.method          'VAPOR DIFFUSION, HANGING DROP' 
_exptl_crystal_grow.temp            295.00 
_exptl_crystal_grow.temp_details    ? 
_exptl_crystal_grow.pH              7.00 
_exptl_crystal_grow.pdbx_details    'pH 7.00, VAPOR DIFFUSION, HANGING DROP, temperature 295.00K' 
_exptl_crystal_grow.pdbx_pH_range   ? 
# 
loop_
_exptl_crystal_grow_comp.crystal_id 
_exptl_crystal_grow_comp.id 
_exptl_crystal_grow_comp.sol_id 
_exptl_crystal_grow_comp.name 
_exptl_crystal_grow_comp.volume 
_exptl_crystal_grow_comp.conc 
_exptl_crystal_grow_comp.details 
1 1 1 WATER           ? ? ? 
1 2 1 'NA CACODYLATE' ? ? ? 
1 3 1 'LA NITRATE'    ? ? ? 
1 4 1 SPERMINE_HCL    ? ? ? 
1 5 2 WATER           ? ? ? 
1 6 2 MPD             ? ? ? 
# 
_diffrn.id                     1 
_diffrn.ambient_temp           295.00 
_diffrn.ambient_temp_details   ? 
_diffrn.crystal_id             1 
# 
_diffrn_detector.diffrn_id              1 
_diffrn_detector.detector               'IMAGE PLATE' 
_diffrn_detector.type                   'RIGAKU RAXIS' 
_diffrn_detector.pdbx_collection_date   1995-04-01 
_diffrn_detector.details                ? 
# 
_diffrn_radiation.diffrn_id                        1 
_diffrn_radiation.wavelength_id                    1 
_diffrn_radiation.pdbx_monochromatic_or_laue_m_l   M 
_diffrn_radiation.monochromator                    ? 
_diffrn_radiation.pdbx_diffrn_protocol             ? 
_diffrn_radiation.pdbx_scattering_type             x-ray 
# 
_diffrn_radiation_wavelength.id           1 
_diffrn_radiation_wavelength.wavelength   . 
_diffrn_radiation_wavelength.wt           1.0 
# 
_diffrn_source.diffrn_id                   1 
_diffrn_source.source                      'ROTATING ANODE' 
_diffrn_source.type                        ? 
_diffrn_source.pdbx_synchrotron_site       ? 
_diffrn_source.pdbx_synchrotron_beamline   ? 
_diffrn_source.pdbx_wavelength             ? 
_diffrn_source.pdbx_wavelength_list        ? 
# 
_reflns.entry_id                     326D 
_reflns.observed_criterion_sigma_I   2.000 
_reflns.observed_criterion_sigma_F   ? 
_reflns.d_resolution_low             ? 
_reflns.d_resolution_high            2.150 
_reflns.number_obs                   2184 
_reflns.number_all                   ? 
_reflns.percent_possible_obs         88.000 
_reflns.pdbx_Rmerge_I_obs            0.0683 
_reflns.pdbx_Rsym_value              ? 
_reflns.pdbx_netI_over_sigmaI        13.800 
_reflns.B_iso_Wilson_estimate        ? 
_reflns.pdbx_redundancy              ? 
_reflns.pdbx_diffrn_id               1 
_reflns.pdbx_ordinal                 1 
# 
_refine.entry_id                                 326D 
_refine.ls_number_reflns_obs                     2184 
_refine.ls_number_reflns_all                     ? 
_refine.pdbx_ls_sigma_I                          ? 
_refine.pdbx_ls_sigma_F                          1.000 
_refine.pdbx_data_cutoff_high_absF               ? 
_refine.pdbx_data_cutoff_low_absF                ? 
_refine.pdbx_data_cutoff_high_rms_absF           ? 
_refine.ls_d_res_low                             8.000 
_refine.ls_d_res_high                            2.150 
_refine.ls_percent_reflns_obs                    ? 
_refine.ls_R_factor_obs                          0.14 
_refine.ls_R_factor_all                          ? 
_refine.ls_R_factor_R_work                       0.14 
_refine.ls_R_factor_R_free                       0.183 
_refine.ls_R_factor_R_free_error                 ? 
_refine.ls_R_factor_R_free_error_details         ? 
_refine.ls_percent_reflns_R_free                 ? 
_refine.ls_number_reflns_R_free                  ? 
_refine.ls_number_parameters                     ? 
_refine.ls_number_restraints                     ? 
_refine.occupancy_min                            ? 
_refine.occupancy_max                            ? 
_refine.B_iso_mean                               ? 
_refine.aniso_B[1][1]                            ? 
_refine.aniso_B[2][2]                            ? 
_refine.aniso_B[3][3]                            ? 
_refine.aniso_B[1][2]                            ? 
_refine.aniso_B[1][3]                            ? 
_refine.aniso_B[2][3]                            ? 
_refine.solvent_model_details                    ? 
_refine.solvent_model_param_ksol                 ? 
_refine.solvent_model_param_bsol                 ? 
_refine.pdbx_ls_cross_valid_method               ? 
_refine.details                                  ? 
_refine.pdbx_starting_model                      ? 
_refine.pdbx_method_to_determine_struct          ? 
_refine.pdbx_isotropic_thermal_model             ? 
_refine.pdbx_stereochemistry_target_values       ? 
_refine.pdbx_stereochem_target_val_spec_case     ? 
_refine.pdbx_R_Free_selection_details            ? 
_refine.pdbx_overall_ESU_R                       ? 
_refine.pdbx_overall_ESU_R_Free                  ? 
_refine.overall_SU_ML                            ? 
_refine.overall_SU_B                             ? 
_refine.pdbx_refine_id                           'X-RAY DIFFRACTION' 
_refine.pdbx_diffrn_id                           1 
_refine.pdbx_TLS_residual_ADP_flag               ? 
_refine.correlation_coeff_Fo_to_Fc               ? 
_refine.correlation_coeff_Fo_to_Fc_free          ? 
_refine.pdbx_solvent_vdw_probe_radii             ? 
_refine.pdbx_solvent_ion_probe_radii             ? 
_refine.pdbx_solvent_shrinkage_radii             ? 
_refine.pdbx_overall_phase_error                 ? 
_refine.overall_SU_R_Cruickshank_DPI             ? 
_refine.pdbx_overall_SU_R_free_Cruickshank_DPI   ? 
_refine.pdbx_overall_SU_R_Blow_DPI               ? 
_refine.pdbx_overall_SU_R_free_Blow_DPI          ? 
# 
_refine_hist.pdbx_refine_id                   'X-RAY DIFFRACTION' 
_refine_hist.cycle_id                         LAST 
_refine_hist.pdbx_number_atoms_protein        0 
_refine_hist.pdbx_number_atoms_nucleic_acid   404 
_refine_hist.pdbx_number_atoms_ligand         18 
_refine_hist.number_atoms_solvent             97 
_refine_hist.number_atoms_total               519 
_refine_hist.d_res_high                       2.150 
_refine_hist.d_res_low                        8.000 
# 
loop_
_refine_ls_restr.type 
_refine_ls_restr.dev_ideal 
_refine_ls_restr.dev_ideal_target 
_refine_ls_restr.weight 
_refine_ls_restr.number 
_refine_ls_restr.pdbx_refine_id 
_refine_ls_restr.pdbx_restraint_function 
x_bond_d                0.020 ? ? ? 'X-RAY DIFFRACTION' ? 
x_bond_d_na             ?     ? ? ? 'X-RAY DIFFRACTION' ? 
x_bond_d_prot           ?     ? ? ? 'X-RAY DIFFRACTION' ? 
x_angle_d               ?     ? ? ? 'X-RAY DIFFRACTION' ? 
x_angle_d_na            ?     ? ? ? 'X-RAY DIFFRACTION' ? 
x_angle_d_prot          ?     ? ? ? 'X-RAY DIFFRACTION' ? 
x_angle_deg             1.84  ? ? ? 'X-RAY DIFFRACTION' ? 
x_angle_deg_na          ?     ? ? ? 'X-RAY DIFFRACTION' ? 
x_angle_deg_prot        ?     ? ? ? 'X-RAY DIFFRACTION' ? 
x_dihedral_angle_d      ?     ? ? ? 'X-RAY DIFFRACTION' ? 
x_dihedral_angle_d_na   ?     ? ? ? 'X-RAY DIFFRACTION' ? 
x_dihedral_angle_d_prot ?     ? ? ? 'X-RAY DIFFRACTION' ? 
x_improper_angle_d      ?     ? ? ? 'X-RAY DIFFRACTION' ? 
x_improper_angle_d_na   ?     ? ? ? 'X-RAY DIFFRACTION' ? 
x_improper_angle_d_prot ?     ? ? ? 'X-RAY DIFFRACTION' ? 
x_mcbond_it             ?     ? ? ? 'X-RAY DIFFRACTION' ? 
x_mcangle_it            ?     ? ? ? 'X-RAY DIFFRACTION' ? 
x_scbond_it             ?     ? ? ? 'X-RAY DIFFRACTION' ? 
x_scangle_it            ?     ? ? ? 'X-RAY DIFFRACTION' ? 
# 
_struct.entry_id                  326D 
_struct.title                     'CRYSTAL STRUCTURES OF D(CM5CGGGCCM5CGG)-ORTHOGONAL FORM' 
_struct.pdbx_model_details        ? 
_struct.pdbx_CASP_flag            ? 
_struct.pdbx_model_type_details   ? 
# 
_struct_keywords.entry_id        326D 
_struct_keywords.pdbx_keywords   DNA 
_struct_keywords.text            'A-DNA, DOUBLE HELIX, MODIFIED, DNA' 
# 
loop_
_struct_asym.id 
_struct_asym.pdbx_blank_PDB_chainid_flag 
_struct_asym.pdbx_modified 
_struct_asym.entity_id 
_struct_asym.details 
A N N 1 ? 
B N N 1 ? 
C N N 2 ? 
D N N 3 ? 
E N N 3 ? 
# 
_struct_ref.id                         1 
_struct_ref.entity_id                  1 
_struct_ref.db_name                    PDB 
_struct_ref.db_code                    326D 
_struct_ref.pdbx_db_accession          326D 
_struct_ref.pdbx_db_isoform            ? 
_struct_ref.pdbx_seq_one_letter_code   ? 
_struct_ref.pdbx_align_begin           ? 
# 
loop_
_struct_ref_seq.align_id 
_struct_ref_seq.ref_id 
_struct_ref_seq.pdbx_PDB_id_code 
_struct_ref_seq.pdbx_strand_id 
_struct_ref_seq.seq_align_beg 
_struct_ref_seq.pdbx_seq_align_beg_ins_code 
_struct_ref_seq.seq_align_end 
_struct_ref_seq.pdbx_seq_align_end_ins_code 
_struct_ref_seq.pdbx_db_accession 
_struct_ref_seq.db_align_beg 
_struct_ref_seq.pdbx_db_align_beg_ins_code 
_struct_ref_seq.db_align_end 
_struct_ref_seq.pdbx_db_align_end_ins_code 
_struct_ref_seq.pdbx_auth_seq_align_beg 
_struct_ref_seq.pdbx_auth_seq_align_end 
1 1 326D A 1 ? 10 ? 326D 1  ? 10 ? 1  10 
2 1 326D B 1 ? 10 ? 326D 11 ? 20 ? 11 20 
# 
_pdbx_struct_assembly.id                   1 
_pdbx_struct_assembly.details              author_defined_assembly 
_pdbx_struct_assembly.method_details       ? 
_pdbx_struct_assembly.oligomeric_details   dimeric 
_pdbx_struct_assembly.oligomeric_count     2 
# 
_pdbx_struct_assembly_gen.assembly_id       1 
_pdbx_struct_assembly_gen.oper_expression   1 
_pdbx_struct_assembly_gen.asym_id_list      A,B,C,D,E 
# 
_pdbx_struct_oper_list.id                   1 
_pdbx_struct_oper_list.type                 'identity operation' 
_pdbx_struct_oper_list.name                 1_555 
_pdbx_struct_oper_list.symmetry_operation   x,y,z 
_pdbx_struct_oper_list.matrix[1][1]         1.0000000000 
_pdbx_struct_oper_list.matrix[1][2]         0.0000000000 
_pdbx_struct_oper_list.matrix[1][3]         0.0000000000 
_pdbx_struct_oper_list.vector[1]            0.0000000000 
_pdbx_struct_oper_list.matrix[2][1]         0.0000000000 
_pdbx_struct_oper_list.matrix[2][2]         1.0000000000 
_pdbx_struct_oper_list.matrix[2][3]         0.0000000000 
_pdbx_struct_oper_list.vector[2]            0.0000000000 
_pdbx_struct_oper_list.matrix[3][1]         0.0000000000 
_pdbx_struct_oper_list.matrix[3][2]         0.0000000000 
_pdbx_struct_oper_list.matrix[3][3]         1.0000000000 
_pdbx_struct_oper_list.vector[3]            0.0000000000 
# 
_struct_biol.id   1 
# 
loop_
_struct_conn.id 
_struct_conn.conn_type_id 
_struct_conn.pdbx_leaving_atom_flag 
_struct_conn.pdbx_PDB_id 
_struct_conn.ptnr1_label_asym_id 
_struct_conn.ptnr1_label_comp_id 
_struct_conn.ptnr1_label_seq_id 
_struct_conn.ptnr1_label_atom_id 
_struct_conn.pdbx_ptnr1_label_alt_id 
_struct_conn.pdbx_ptnr1_PDB_ins_code 
_struct_conn.pdbx_ptnr1_standard_comp_id 
_struct_conn.ptnr1_symmetry 
_struct_conn.ptnr2_label_asym_id 
_struct_conn.ptnr2_label_comp_id 
_struct_conn.ptnr2_label_seq_id 
_struct_conn.ptnr2_label_atom_id 
_struct_conn.pdbx_ptnr2_label_alt_id 
_struct_conn.pdbx_ptnr2_PDB_ins_code 
_struct_conn.ptnr1_auth_asym_id 
_struct_conn.ptnr1_auth_comp_id 
_struct_conn.ptnr1_auth_seq_id 
_struct_conn.ptnr2_auth_asym_id 
_struct_conn.ptnr2_auth_comp_id 
_struct_conn.ptnr2_auth_seq_id 
_struct_conn.ptnr2_symmetry 
_struct_conn.pdbx_ptnr3_label_atom_id 
_struct_conn.pdbx_ptnr3_label_seq_id 
_struct_conn.pdbx_ptnr3_label_comp_id 
_struct_conn.pdbx_ptnr3_label_asym_id 
_struct_conn.pdbx_ptnr3_label_alt_id 
_struct_conn.pdbx_ptnr3_PDB_ins_code 
_struct_conn.details 
_struct_conn.pdbx_dist_value 
_struct_conn.pdbx_value_order 
_struct_conn.pdbx_role 
covale1  covale both ? A DC  1  "O3'" ? ? ? 1_555 A 5CM 2  P  ? ? A DC  1  A 5CM 2  1_555 ? ? ? ? ? ? ?            1.579 ? ? 
covale2  covale both ? A 5CM 2  "O3'" ? ? ? 1_555 A DG  3  P  ? ? A 5CM 2  A DG  3  1_555 ? ? ? ? ? ? ?            1.592 ? ? 
covale3  covale both ? A DC  7  "O3'" ? ? ? 1_555 A 5CM 8  P  ? ? A DC  7  A 5CM 8  1_555 ? ? ? ? ? ? ?            1.638 ? ? 
covale4  covale both ? A 5CM 8  "O3'" ? ? ? 1_555 A DG  9  P  ? ? A 5CM 8  A DG  9  1_555 ? ? ? ? ? ? ?            1.606 ? ? 
covale5  covale both ? B DC  1  "O3'" ? ? ? 1_555 B 5CM 2  P  ? ? B DC  11 B 5CM 12 1_555 ? ? ? ? ? ? ?            1.575 ? ? 
covale6  covale both ? B 5CM 2  "O3'" ? ? ? 1_555 B DG  3  P  ? ? B 5CM 12 B DG  13 1_555 ? ? ? ? ? ? ?            1.615 ? ? 
covale7  covale both ? B DC  7  "O3'" ? ? ? 1_555 B 5CM 8  P  ? ? B DC  17 B 5CM 18 1_555 ? ? ? ? ? ? ?            1.618 ? ? 
covale8  covale both ? B 5CM 8  "O3'" ? ? ? 1_555 B DG  9  P  ? ? B 5CM 18 B DG  19 1_555 ? ? ? ? ? ? ?            1.594 ? ? 
hydrog1  hydrog ?    ? A DC  1  N3    ? ? ? 1_555 B DG  10 N1 ? ? A DC  1  B DG  20 1_555 ? ? ? ? ? ? WATSON-CRICK ?     ? ? 
hydrog2  hydrog ?    ? A DC  1  N4    ? ? ? 1_555 B DG  10 O6 ? ? A DC  1  B DG  20 1_555 ? ? ? ? ? ? WATSON-CRICK ?     ? ? 
hydrog3  hydrog ?    ? A DC  1  O2    ? ? ? 1_555 B DG  10 N2 ? ? A DC  1  B DG  20 1_555 ? ? ? ? ? ? WATSON-CRICK ?     ? ? 
hydrog4  hydrog ?    ? A 5CM 2  N3    ? ? ? 1_555 B DG  9  N1 ? ? A 5CM 2  B DG  19 1_555 ? ? ? ? ? ? WATSON-CRICK ?     ? ? 
hydrog5  hydrog ?    ? A 5CM 2  N4    ? ? ? 1_555 B DG  9  O6 ? ? A 5CM 2  B DG  19 1_555 ? ? ? ? ? ? WATSON-CRICK ?     ? ? 
hydrog6  hydrog ?    ? A 5CM 2  O2    ? ? ? 1_555 B DG  9  N2 ? ? A 5CM 2  B DG  19 1_555 ? ? ? ? ? ? WATSON-CRICK ?     ? ? 
hydrog7  hydrog ?    ? A DG  3  N1    ? ? ? 1_555 B 5CM 8  N3 ? ? A DG  3  B 5CM 18 1_555 ? ? ? ? ? ? WATSON-CRICK ?     ? ? 
hydrog8  hydrog ?    ? A DG  3  N2    ? ? ? 1_555 B 5CM 8  O2 ? ? A DG  3  B 5CM 18 1_555 ? ? ? ? ? ? WATSON-CRICK ?     ? ? 
hydrog9  hydrog ?    ? A DG  3  O6    ? ? ? 1_555 B 5CM 8  N4 ? ? A DG  3  B 5CM 18 1_555 ? ? ? ? ? ? WATSON-CRICK ?     ? ? 
hydrog10 hydrog ?    ? A DG  4  N1    ? ? ? 1_555 B DC  7  N3 ? ? A DG  4  B DC  17 1_555 ? ? ? ? ? ? WATSON-CRICK ?     ? ? 
hydrog11 hydrog ?    ? A DG  4  N2    ? ? ? 1_555 B DC  7  O2 ? ? A DG  4  B DC  17 1_555 ? ? ? ? ? ? WATSON-CRICK ?     ? ? 
hydrog12 hydrog ?    ? A DG  4  O6    ? ? ? 1_555 B DC  7  N4 ? ? A DG  4  B DC  17 1_555 ? ? ? ? ? ? WATSON-CRICK ?     ? ? 
hydrog13 hydrog ?    ? A DG  5  N1    ? ? ? 1_555 B DC  6  N3 ? ? A DG  5  B DC  16 1_555 ? ? ? ? ? ? WATSON-CRICK ?     ? ? 
hydrog14 hydrog ?    ? A DG  5  N2    ? ? ? 1_555 B DC  6  O2 ? ? A DG  5  B DC  16 1_555 ? ? ? ? ? ? WATSON-CRICK ?     ? ? 
hydrog15 hydrog ?    ? A DG  5  O6    ? ? ? 1_555 B DC  6  N4 ? ? A DG  5  B DC  16 1_555 ? ? ? ? ? ? WATSON-CRICK ?     ? ? 
hydrog16 hydrog ?    ? A DC  6  N3    ? ? ? 1_555 B DG  5  N1 ? ? A DC  6  B DG  15 1_555 ? ? ? ? ? ? WATSON-CRICK ?     ? ? 
hydrog17 hydrog ?    ? A DC  6  N4    ? ? ? 1_555 B DG  5  O6 ? ? A DC  6  B DG  15 1_555 ? ? ? ? ? ? WATSON-CRICK ?     ? ? 
hydrog18 hydrog ?    ? A DC  6  O2    ? ? ? 1_555 B DG  5  N2 ? ? A DC  6  B DG  15 1_555 ? ? ? ? ? ? WATSON-CRICK ?     ? ? 
hydrog19 hydrog ?    ? A DC  7  N3    ? ? ? 1_555 B DG  4  N1 ? ? A DC  7  B DG  14 1_555 ? ? ? ? ? ? WATSON-CRICK ?     ? ? 
hydrog20 hydrog ?    ? A DC  7  N4    ? ? ? 1_555 B DG  4  O6 ? ? A DC  7  B DG  14 1_555 ? ? ? ? ? ? WATSON-CRICK ?     ? ? 
hydrog21 hydrog ?    ? A DC  7  O2    ? ? ? 1_555 B DG  4  N2 ? ? A DC  7  B DG  14 1_555 ? ? ? ? ? ? WATSON-CRICK ?     ? ? 
hydrog22 hydrog ?    ? A 5CM 8  N3    ? ? ? 1_555 B DG  3  N1 ? ? A 5CM 8  B DG  13 1_555 ? ? ? ? ? ? WATSON-CRICK ?     ? ? 
hydrog23 hydrog ?    ? A 5CM 8  N4    ? ? ? 1_555 B DG  3  O6 ? ? A 5CM 8  B DG  13 1_555 ? ? ? ? ? ? WATSON-CRICK ?     ? ? 
hydrog24 hydrog ?    ? A 5CM 8  O2    ? ? ? 1_555 B DG  3  N2 ? ? A 5CM 8  B DG  13 1_555 ? ? ? ? ? ? WATSON-CRICK ?     ? ? 
hydrog25 hydrog ?    ? A DG  9  N1    ? ? ? 1_555 B 5CM 2  N3 ? ? A DG  9  B 5CM 12 1_555 ? ? ? ? ? ? WATSON-CRICK ?     ? ? 
hydrog26 hydrog ?    ? A DG  9  N2    ? ? ? 1_555 B 5CM 2  O2 ? ? A DG  9  B 5CM 12 1_555 ? ? ? ? ? ? WATSON-CRICK ?     ? ? 
hydrog27 hydrog ?    ? A DG  9  O6    ? ? ? 1_555 B 5CM 2  N4 ? ? A DG  9  B 5CM 12 1_555 ? ? ? ? ? ? WATSON-CRICK ?     ? ? 
hydrog28 hydrog ?    ? A DG  10 N1    ? ? ? 1_555 B DC  1  N3 ? ? A DG  10 B DC  11 1_555 ? ? ? ? ? ? WATSON-CRICK ?     ? ? 
hydrog29 hydrog ?    ? A DG  10 N2    ? ? ? 1_555 B DC  1  O2 ? ? A DG  10 B DC  11 1_555 ? ? ? ? ? ? WATSON-CRICK ?     ? ? 
hydrog30 hydrog ?    ? A DG  10 O6    ? ? ? 1_555 B DC  1  N4 ? ? A DG  10 B DC  11 1_555 ? ? ? ? ? ? WATSON-CRICK ?     ? ? 
# 
loop_
_struct_conn_type.id 
_struct_conn_type.criteria 
_struct_conn_type.reference 
covale ? ? 
hydrog ? ? 
# 
_struct_site.id                   AC1 
_struct_site.pdbx_evidence_code   Software 
_struct_site.pdbx_auth_asym_id    B 
_struct_site.pdbx_auth_comp_id    SPM 
_struct_site.pdbx_auth_seq_id     25 
_struct_site.pdbx_auth_ins_code   ? 
_struct_site.pdbx_num_residues    9 
_struct_site.details              'BINDING SITE FOR RESIDUE SPM B 25' 
# 
loop_
_struct_site_gen.id 
_struct_site_gen.site_id 
_struct_site_gen.pdbx_num_res 
_struct_site_gen.label_comp_id 
_struct_site_gen.label_asym_id 
_struct_site_gen.label_seq_id 
_struct_site_gen.pdbx_auth_ins_code 
_struct_site_gen.auth_comp_id 
_struct_site_gen.auth_asym_id 
_struct_site_gen.auth_seq_id 
_struct_site_gen.label_atom_id 
_struct_site_gen.label_alt_id 
_struct_site_gen.symmetry 
_struct_site_gen.details 
1 AC1 9 5CM A 8  ? 5CM A 8   . ? 3_555 ? 
2 AC1 9 DG  A 9  ? DG  A 9   . ? 3_555 ? 
3 AC1 9 DG  A 10 ? DG  A 10  . ? 3_555 ? 
4 AC1 9 DG  B 4  ? DG  B 14  . ? 2_455 ? 
5 AC1 9 DG  B 5  ? DG  B 15  . ? 2_455 ? 
6 AC1 9 DG  B 9  ? DG  B 19  . ? 1_555 ? 
7 AC1 9 DG  B 10 ? DG  B 20  . ? 1_555 ? 
8 AC1 9 HOH E .  ? HOH B 61  . ? 1_555 ? 
9 AC1 9 HOH E .  ? HOH B 106 . ? 1_555 ? 
# 
_pdbx_validate_rmsd_bond.id                        1 
_pdbx_validate_rmsd_bond.PDB_model_num             1 
_pdbx_validate_rmsd_bond.auth_atom_id_1            "C4'" 
_pdbx_validate_rmsd_bond.auth_asym_id_1            A 
_pdbx_validate_rmsd_bond.auth_comp_id_1            DC 
_pdbx_validate_rmsd_bond.auth_seq_id_1             7 
_pdbx_validate_rmsd_bond.PDB_ins_code_1            ? 
_pdbx_validate_rmsd_bond.label_alt_id_1            ? 
_pdbx_validate_rmsd_bond.auth_atom_id_2            "C3'" 
_pdbx_validate_rmsd_bond.auth_asym_id_2            A 
_pdbx_validate_rmsd_bond.auth_comp_id_2            DC 
_pdbx_validate_rmsd_bond.auth_seq_id_2             7 
_pdbx_validate_rmsd_bond.PDB_ins_code_2            ? 
_pdbx_validate_rmsd_bond.label_alt_id_2            ? 
_pdbx_validate_rmsd_bond.bond_value                1.452 
_pdbx_validate_rmsd_bond.bond_target_value         1.521 
_pdbx_validate_rmsd_bond.bond_deviation            -0.069 
_pdbx_validate_rmsd_bond.bond_standard_deviation   0.010 
_pdbx_validate_rmsd_bond.linker_flag               N 
# 
loop_
_pdbx_validate_rmsd_angle.id 
_pdbx_validate_rmsd_angle.PDB_model_num 
_pdbx_validate_rmsd_angle.auth_atom_id_1 
_pdbx_validate_rmsd_angle.auth_asym_id_1 
_pdbx_validate_rmsd_angle.auth_comp_id_1 
_pdbx_validate_rmsd_angle.auth_seq_id_1 
_pdbx_validate_rmsd_angle.PDB_ins_code_1 
_pdbx_validate_rmsd_angle.label_alt_id_1 
_pdbx_validate_rmsd_angle.auth_atom_id_2 
_pdbx_validate_rmsd_angle.auth_asym_id_2 
_pdbx_validate_rmsd_angle.auth_comp_id_2 
_pdbx_validate_rmsd_angle.auth_seq_id_2 
_pdbx_validate_rmsd_angle.PDB_ins_code_2 
_pdbx_validate_rmsd_angle.label_alt_id_2 
_pdbx_validate_rmsd_angle.auth_atom_id_3 
_pdbx_validate_rmsd_angle.auth_asym_id_3 
_pdbx_validate_rmsd_angle.auth_comp_id_3 
_pdbx_validate_rmsd_angle.auth_seq_id_3 
_pdbx_validate_rmsd_angle.PDB_ins_code_3 
_pdbx_validate_rmsd_angle.label_alt_id_3 
_pdbx_validate_rmsd_angle.angle_value 
_pdbx_validate_rmsd_angle.angle_target_value 
_pdbx_validate_rmsd_angle.angle_deviation 
_pdbx_validate_rmsd_angle.angle_standard_deviation 
_pdbx_validate_rmsd_angle.linker_flag 
1  1 "O4'" A DC 1  ? ? "C1'" A DC 1  ? ? N1    A DC 1  ? ? 113.30 108.30 5.00  0.30 N 
2  1 "O4'" A DG 3  ? ? "C1'" A DG 3  ? ? N9    A DG 3  ? ? 112.51 108.30 4.21  0.30 N 
3  1 "O4'" A DG 4  ? ? "C1'" A DG 4  ? ? N9    A DG 4  ? ? 114.34 108.30 6.04  0.30 N 
4  1 "O4'" A DC 6  ? ? "C1'" A DC 6  ? ? N1    A DC 6  ? ? 113.80 108.30 5.50  0.30 N 
5  1 "C4'" A DC 7  ? ? "C3'" A DC 7  ? ? "C2'" A DC 7  ? ? 97.63  102.20 -4.57 0.70 N 
6  1 "O4'" A DC 7  ? ? "C1'" A DC 7  ? ? N1    A DC 7  ? ? 114.83 108.30 6.53  0.30 N 
7  1 N1    A DC 7  ? ? C2    A DC 7  ? ? O2    A DC 7  ? ? 122.92 118.90 4.02  0.60 N 
8  1 "O4'" A DG 9  ? ? "C4'" A DG 9  ? ? "C3'" A DG 9  ? ? 101.51 104.50 -2.99 0.40 N 
9  1 "O4'" A DG 9  ? ? "C1'" A DG 9  ? ? N9    A DG 9  ? ? 111.54 108.30 3.24  0.30 N 
10 1 "O4'" A DG 10 ? ? "C1'" A DG 10 ? ? N9    A DG 10 ? ? 111.25 108.30 2.95  0.30 N 
11 1 "C4'" B DC 11 ? ? "C3'" B DC 11 ? ? "C2'" B DC 11 ? ? 97.67  102.20 -4.53 0.70 N 
12 1 "O4'" B DC 11 ? ? "C1'" B DC 11 ? ? N1    B DC 11 ? ? 111.69 108.30 3.39  0.30 N 
13 1 N1    B DC 11 ? ? C2    B DC 11 ? ? O2    B DC 11 ? ? 122.75 118.90 3.85  0.60 N 
14 1 "C4'" B DG 13 ? ? "C3'" B DG 13 ? ? "C2'" B DG 13 ? ? 96.63  102.20 -5.57 0.70 N 
15 1 "O4'" B DG 13 ? ? "C1'" B DG 13 ? ? N9    B DG 13 ? ? 114.49 108.30 6.19  0.30 N 
16 1 "O4'" B DG 14 ? ? "C1'" B DG 14 ? ? N9    B DG 14 ? ? 114.81 108.30 6.51  0.30 N 
17 1 C5    B DG 15 ? ? C6    B DG 15 ? ? O6    B DG 15 ? ? 124.72 128.60 -3.88 0.60 N 
18 1 "O4'" B DC 16 ? ? "C1'" B DC 16 ? ? N1    B DC 16 ? ? 115.72 108.30 7.42  0.30 N 
19 1 N1    B DC 16 ? ? C2    B DC 16 ? ? O2    B DC 16 ? ? 122.55 118.90 3.65  0.60 N 
20 1 "O4'" B DC 17 ? ? "C1'" B DC 17 ? ? N1    B DC 17 ? ? 114.29 108.30 5.99  0.30 N 
21 1 "C4'" B DG 19 ? ? "C3'" B DG 19 ? ? "C2'" B DG 19 ? ? 97.99  102.20 -4.21 0.70 N 
22 1 "O4'" B DG 19 ? ? "C1'" B DG 19 ? ? N9    B DG 19 ? ? 112.75 108.30 4.45  0.30 N 
23 1 N9    B DG 19 ? ? C4    B DG 19 ? ? C5    B DG 19 ? ? 108.47 105.40 3.07  0.40 N 
# 
_pdbx_validate_planes.id              1 
_pdbx_validate_planes.PDB_model_num   1 
_pdbx_validate_planes.auth_comp_id    DG 
_pdbx_validate_planes.auth_asym_id    A 
_pdbx_validate_planes.auth_seq_id     4 
_pdbx_validate_planes.PDB_ins_code    ? 
_pdbx_validate_planes.label_alt_id    ? 
_pdbx_validate_planes.rmsd            0.060 
_pdbx_validate_planes.type            'SIDE CHAIN' 
# 
loop_
_pdbx_struct_mod_residue.id 
_pdbx_struct_mod_residue.label_asym_id 
_pdbx_struct_mod_residue.label_comp_id 
_pdbx_struct_mod_residue.label_seq_id 
_pdbx_struct_mod_residue.auth_asym_id 
_pdbx_struct_mod_residue.auth_comp_id 
_pdbx_struct_mod_residue.auth_seq_id 
_pdbx_struct_mod_residue.PDB_ins_code 
_pdbx_struct_mod_residue.parent_comp_id 
_pdbx_struct_mod_residue.details 
1 A 5CM 2 A 5CM 2  ? DC ? 
2 A 5CM 8 A 5CM 8  ? DC ? 
3 B 5CM 2 B 5CM 12 ? DC ? 
4 B 5CM 8 B 5CM 18 ? DC ? 
# 
loop_
_refine_B_iso.class 
_refine_B_iso.details 
_refine_B_iso.treatment 
_refine_B_iso.pdbx_refine_id 
'ALL ATOMS'  TR isotropic 'X-RAY DIFFRACTION' 
'ALL WATERS' TR isotropic 'X-RAY DIFFRACTION' 
# 
loop_
_refine_occupancy.class 
_refine_occupancy.treatment 
_refine_occupancy.pdbx_refine_id 
'ALL ATOMS'  fix 'X-RAY DIFFRACTION' 
'ALL WATERS' fix 'X-RAY DIFFRACTION' 
# 
loop_
_chem_comp_atom.comp_id 
_chem_comp_atom.atom_id 
_chem_comp_atom.type_symbol 
_chem_comp_atom.pdbx_aromatic_flag 
_chem_comp_atom.pdbx_stereo_config 
_chem_comp_atom.pdbx_ordinal 
5CM N1     N N N 1   
5CM C2     C N N 2   
5CM N3     N N N 3   
5CM C4     C N N 4   
5CM C5     C N N 5   
5CM C5A    C N N 6   
5CM C6     C N N 7   
5CM O2     O N N 8   
5CM N4     N N N 9   
5CM "C1'"  C N R 10  
5CM "C2'"  C N N 11  
5CM "C3'"  C N S 12  
5CM "C4'"  C N R 13  
5CM "O4'"  O N N 14  
5CM "O3'"  O N N 15  
5CM "C5'"  C N N 16  
5CM "O5'"  O N N 17  
5CM P      P N N 18  
5CM OP1    O N N 19  
5CM OP2    O N N 20  
5CM OP3    O N N 21  
5CM H5A1   H N N 22  
5CM H5A2   H N N 23  
5CM H5A3   H N N 24  
5CM H6     H N N 25  
5CM HN41   H N N 26  
5CM HN42   H N N 27  
5CM "H1'"  H N N 28  
5CM "H2'"  H N N 29  
5CM "H2''" H N N 30  
5CM "H3'"  H N N 31  
5CM "H4'"  H N N 32  
5CM "HO3'" H N N 33  
5CM "H5'"  H N N 34  
5CM "H5''" H N N 35  
5CM HOP2   H N N 36  
5CM HOP3   H N N 37  
DC  OP3    O N N 38  
DC  P      P N N 39  
DC  OP1    O N N 40  
DC  OP2    O N N 41  
DC  "O5'"  O N N 42  
DC  "C5'"  C N N 43  
DC  "C4'"  C N R 44  
DC  "O4'"  O N N 45  
DC  "C3'"  C N S 46  
DC  "O3'"  O N N 47  
DC  "C2'"  C N N 48  
DC  "C1'"  C N R 49  
DC  N1     N N N 50  
DC  C2     C N N 51  
DC  O2     O N N 52  
DC  N3     N N N 53  
DC  C4     C N N 54  
DC  N4     N N N 55  
DC  C5     C N N 56  
DC  C6     C N N 57  
DC  HOP3   H N N 58  
DC  HOP2   H N N 59  
DC  "H5'"  H N N 60  
DC  "H5''" H N N 61  
DC  "H4'"  H N N 62  
DC  "H3'"  H N N 63  
DC  "HO3'" H N N 64  
DC  "H2'"  H N N 65  
DC  "H2''" H N N 66  
DC  "H1'"  H N N 67  
DC  H41    H N N 68  
DC  H42    H N N 69  
DC  H5     H N N 70  
DC  H6     H N N 71  
DG  OP3    O N N 72  
DG  P      P N N 73  
DG  OP1    O N N 74  
DG  OP2    O N N 75  
DG  "O5'"  O N N 76  
DG  "C5'"  C N N 77  
DG  "C4'"  C N R 78  
DG  "O4'"  O N N 79  
DG  "C3'"  C N S 80  
DG  "O3'"  O N N 81  
DG  "C2'"  C N N 82  
DG  "C1'"  C N R 83  
DG  N9     N Y N 84  
DG  C8     C Y N 85  
DG  N7     N Y N 86  
DG  C5     C Y N 87  
DG  C6     C N N 88  
DG  O6     O N N 89  
DG  N1     N N N 90  
DG  C2     C N N 91  
DG  N2     N N N 92  
DG  N3     N N N 93  
DG  C4     C Y N 94  
DG  HOP3   H N N 95  
DG  HOP2   H N N 96  
DG  "H5'"  H N N 97  
DG  "H5''" H N N 98  
DG  "H4'"  H N N 99  
DG  "H3'"  H N N 100 
DG  "HO3'" H N N 101 
DG  "H2'"  H N N 102 
DG  "H2''" H N N 103 
DG  "H1'"  H N N 104 
DG  H8     H N N 105 
DG  H1     H N N 106 
DG  H21    H N N 107 
DG  H22    H N N 108 
HOH O      O N N 109 
HOH H1     H N N 110 
HOH H2     H N N 111 
SPM N1     N N N 112 
SPM C2     C N N 113 
SPM C3     C N N 114 
SPM C4     C N N 115 
SPM N5     N N N 116 
SPM C6     C N N 117 
SPM C7     C N N 118 
SPM C8     C N N 119 
SPM C9     C N N 120 
SPM N10    N N N 121 
SPM C11    C N N 122 
SPM C12    C N N 123 
SPM C13    C N N 124 
SPM N14    N N N 125 
SPM HN11   H N N 126 
SPM HN12   H N N 127 
SPM H21    H N N 128 
SPM H22    H N N 129 
SPM H31    H N N 130 
SPM H32    H N N 131 
SPM H41    H N N 132 
SPM H42    H N N 133 
SPM HN5    H N N 134 
SPM H61    H N N 135 
SPM H62    H N N 136 
SPM H71    H N N 137 
SPM H72    H N N 138 
SPM H81    H N N 139 
SPM H82    H N N 140 
SPM H91    H N N 141 
SPM H92    H N N 142 
SPM HN0    H N N 143 
SPM H111   H N N 144 
SPM H112   H N N 145 
SPM H121   H N N 146 
SPM H122   H N N 147 
SPM H131   H N N 148 
SPM H132   H N N 149 
SPM HN41   H N N 150 
SPM HN42   H N N 151 
# 
loop_
_chem_comp_bond.comp_id 
_chem_comp_bond.atom_id_1 
_chem_comp_bond.atom_id_2 
_chem_comp_bond.value_order 
_chem_comp_bond.pdbx_aromatic_flag 
_chem_comp_bond.pdbx_stereo_config 
_chem_comp_bond.pdbx_ordinal 
5CM N1    C2     sing N N 1   
5CM N1    C6     sing N N 2   
5CM N1    "C1'"  sing N N 3   
5CM C2    N3     sing N N 4   
5CM C2    O2     doub N N 5   
5CM N3    C4     doub N N 6   
5CM C4    C5     sing N N 7   
5CM C4    N4     sing N N 8   
5CM C5    C5A    sing N N 9   
5CM C5    C6     doub N N 10  
5CM C5A   H5A1   sing N N 11  
5CM C5A   H5A2   sing N N 12  
5CM C5A   H5A3   sing N N 13  
5CM C6    H6     sing N N 14  
5CM N4    HN41   sing N N 15  
5CM N4    HN42   sing N N 16  
5CM "C1'" "C2'"  sing N N 17  
5CM "C1'" "O4'"  sing N N 18  
5CM "C1'" "H1'"  sing N N 19  
5CM "C2'" "C3'"  sing N N 20  
5CM "C2'" "H2'"  sing N N 21  
5CM "C2'" "H2''" sing N N 22  
5CM "C3'" "C4'"  sing N N 23  
5CM "C3'" "O3'"  sing N N 24  
5CM "C3'" "H3'"  sing N N 25  
5CM "C4'" "O4'"  sing N N 26  
5CM "C4'" "C5'"  sing N N 27  
5CM "C4'" "H4'"  sing N N 28  
5CM "O3'" "HO3'" sing N N 29  
5CM "C5'" "O5'"  sing N N 30  
5CM "C5'" "H5'"  sing N N 31  
5CM "C5'" "H5''" sing N N 32  
5CM "O5'" P      sing N N 33  
5CM P     OP1    doub N N 34  
5CM P     OP2    sing N N 35  
5CM P     OP3    sing N N 36  
5CM OP2   HOP2   sing N N 37  
5CM OP3   HOP3   sing N N 38  
DC  OP3   P      sing N N 39  
DC  OP3   HOP3   sing N N 40  
DC  P     OP1    doub N N 41  
DC  P     OP2    sing N N 42  
DC  P     "O5'"  sing N N 43  
DC  OP2   HOP2   sing N N 44  
DC  "O5'" "C5'"  sing N N 45  
DC  "C5'" "C4'"  sing N N 46  
DC  "C5'" "H5'"  sing N N 47  
DC  "C5'" "H5''" sing N N 48  
DC  "C4'" "O4'"  sing N N 49  
DC  "C4'" "C3'"  sing N N 50  
DC  "C4'" "H4'"  sing N N 51  
DC  "O4'" "C1'"  sing N N 52  
DC  "C3'" "O3'"  sing N N 53  
DC  "C3'" "C2'"  sing N N 54  
DC  "C3'" "H3'"  sing N N 55  
DC  "O3'" "HO3'" sing N N 56  
DC  "C2'" "C1'"  sing N N 57  
DC  "C2'" "H2'"  sing N N 58  
DC  "C2'" "H2''" sing N N 59  
DC  "C1'" N1     sing N N 60  
DC  "C1'" "H1'"  sing N N 61  
DC  N1    C2     sing N N 62  
DC  N1    C6     sing N N 63  
DC  C2    O2     doub N N 64  
DC  C2    N3     sing N N 65  
DC  N3    C4     doub N N 66  
DC  C4    N4     sing N N 67  
DC  C4    C5     sing N N 68  
DC  N4    H41    sing N N 69  
DC  N4    H42    sing N N 70  
DC  C5    C6     doub N N 71  
DC  C5    H5     sing N N 72  
DC  C6    H6     sing N N 73  
DG  OP3   P      sing N N 74  
DG  OP3   HOP3   sing N N 75  
DG  P     OP1    doub N N 76  
DG  P     OP2    sing N N 77  
DG  P     "O5'"  sing N N 78  
DG  OP2   HOP2   sing N N 79  
DG  "O5'" "C5'"  sing N N 80  
DG  "C5'" "C4'"  sing N N 81  
DG  "C5'" "H5'"  sing N N 82  
DG  "C5'" "H5''" sing N N 83  
DG  "C4'" "O4'"  sing N N 84  
DG  "C4'" "C3'"  sing N N 85  
DG  "C4'" "H4'"  sing N N 86  
DG  "O4'" "C1'"  sing N N 87  
DG  "C3'" "O3'"  sing N N 88  
DG  "C3'" "C2'"  sing N N 89  
DG  "C3'" "H3'"  sing N N 90  
DG  "O3'" "HO3'" sing N N 91  
DG  "C2'" "C1'"  sing N N 92  
DG  "C2'" "H2'"  sing N N 93  
DG  "C2'" "H2''" sing N N 94  
DG  "C1'" N9     sing N N 95  
DG  "C1'" "H1'"  sing N N 96  
DG  N9    C8     sing Y N 97  
DG  N9    C4     sing Y N 98  
DG  C8    N7     doub Y N 99  
DG  C8    H8     sing N N 100 
DG  N7    C5     sing Y N 101 
DG  C5    C6     sing N N 102 
DG  C5    C4     doub Y N 103 
DG  C6    O6     doub N N 104 
DG  C6    N1     sing N N 105 
DG  N1    C2     sing N N 106 
DG  N1    H1     sing N N 107 
DG  C2    N2     sing N N 108 
DG  C2    N3     doub N N 109 
DG  N2    H21    sing N N 110 
DG  N2    H22    sing N N 111 
DG  N3    C4     sing N N 112 
HOH O     H1     sing N N 113 
HOH O     H2     sing N N 114 
SPM N1    C2     sing N N 115 
SPM N1    HN11   sing N N 116 
SPM N1    HN12   sing N N 117 
SPM C2    C3     sing N N 118 
SPM C2    H21    sing N N 119 
SPM C2    H22    sing N N 120 
SPM C3    C4     sing N N 121 
SPM C3    H31    sing N N 122 
SPM C3    H32    sing N N 123 
SPM C4    N5     sing N N 124 
SPM C4    H41    sing N N 125 
SPM C4    H42    sing N N 126 
SPM N5    C6     sing N N 127 
SPM N5    HN5    sing N N 128 
SPM C6    C7     sing N N 129 
SPM C6    H61    sing N N 130 
SPM C6    H62    sing N N 131 
SPM C7    C8     sing N N 132 
SPM C7    H71    sing N N 133 
SPM C7    H72    sing N N 134 
SPM C8    C9     sing N N 135 
SPM C8    H81    sing N N 136 
SPM C8    H82    sing N N 137 
SPM C9    N10    sing N N 138 
SPM C9    H91    sing N N 139 
SPM C9    H92    sing N N 140 
SPM N10   C11    sing N N 141 
SPM N10   HN0    sing N N 142 
SPM C11   C12    sing N N 143 
SPM C11   H111   sing N N 144 
SPM C11   H112   sing N N 145 
SPM C12   C13    sing N N 146 
SPM C12   H121   sing N N 147 
SPM C12   H122   sing N N 148 
SPM C13   N14    sing N N 149 
SPM C13   H131   sing N N 150 
SPM C13   H132   sing N N 151 
SPM N14   HN41   sing N N 152 
SPM N14   HN42   sing N N 153 
# 
_ndb_struct_conf_na.entry_id   326D 
_ndb_struct_conf_na.feature    'a-form double helix' 
# 
loop_
_ndb_struct_na_base_pair.model_number 
_ndb_struct_na_base_pair.i_label_asym_id 
_ndb_struct_na_base_pair.i_label_comp_id 
_ndb_struct_na_base_pair.i_label_seq_id 
_ndb_struct_na_base_pair.i_symmetry 
_ndb_struct_na_base_pair.j_label_asym_id 
_ndb_struct_na_base_pair.j_label_comp_id 
_ndb_struct_na_base_pair.j_label_seq_id 
_ndb_struct_na_base_pair.j_symmetry 
_ndb_struct_na_base_pair.shear 
_ndb_struct_na_base_pair.stretch 
_ndb_struct_na_base_pair.stagger 
_ndb_struct_na_base_pair.buckle 
_ndb_struct_na_base_pair.propeller 
_ndb_struct_na_base_pair.opening 
_ndb_struct_na_base_pair.pair_number 
_ndb_struct_na_base_pair.pair_name 
_ndb_struct_na_base_pair.i_auth_asym_id 
_ndb_struct_na_base_pair.i_auth_seq_id 
_ndb_struct_na_base_pair.i_PDB_ins_code 
_ndb_struct_na_base_pair.j_auth_asym_id 
_ndb_struct_na_base_pair.j_auth_seq_id 
_ndb_struct_na_base_pair.j_PDB_ins_code 
_ndb_struct_na_base_pair.hbond_type_28 
_ndb_struct_na_base_pair.hbond_type_12 
1 A DC  1  1_555 B DG  10 1_555 0.520  -0.170 -0.166 5.771  -4.052  -0.210  1  A_DC1:DG20_B  A 1  ? B 20 ? 19 1 
1 A 5CM 2  1_555 B DG  9  1_555 0.421  -0.157 -0.003 4.061  -8.705  2.445   2  A_5CM2:DG19_B A 2  ? B 19 ? 19 1 
1 A DG  3  1_555 B 5CM 8  1_555 -0.463 -0.141 0.038  -5.938 -15.384 1.142   3  A_DG3:5CM18_B A 3  ? B 18 ? 19 1 
1 A DG  4  1_555 B DC  7  1_555 -0.256 -0.264 0.126  -2.643 -8.129  -7.063  4  A_DG4:DC17_B  A 4  ? B 17 ? 19 1 
1 A DG  5  1_555 B DC  6  1_555 0.173  -0.288 0.040  -5.332 -10.039 -0.844  5  A_DG5:DC16_B  A 5  ? B 16 ? 19 1 
1 A DC  6  1_555 B DG  5  1_555 0.515  -0.453 0.023  2.197  -9.229  -7.121  6  A_DC6:DG15_B  A 6  ? B 15 ? 19 1 
1 A DC  7  1_555 B DG  4  1_555 0.590  -0.180 -0.070 6.837  -7.278  0.278   7  A_DC7:DG14_B  A 7  ? B 14 ? 19 1 
1 A 5CM 8  1_555 B DG  3  1_555 0.412  -0.283 -0.088 5.738  -9.248  -2.243  8  A_5CM8:DG13_B A 8  ? B 13 ? 19 1 
1 A DG  9  1_555 B 5CM 2  1_555 -0.985 -0.041 -0.186 -6.141 -10.008 1.167   9  A_DG9:5CM12_B A 9  ? B 12 ? 19 1 
1 A DG  10 1_555 B DC  1  1_555 0.323  -0.066 0.020  2.775  5.965   -11.108 10 A_DG10:DC11_B A 10 ? B 11 ? 19 1 
# 
loop_
_ndb_struct_na_base_pair_step.model_number 
_ndb_struct_na_base_pair_step.i_label_asym_id_1 
_ndb_struct_na_base_pair_step.i_label_comp_id_1 
_ndb_struct_na_base_pair_step.i_label_seq_id_1 
_ndb_struct_na_base_pair_step.i_symmetry_1 
_ndb_struct_na_base_pair_step.j_label_asym_id_1 
_ndb_struct_na_base_pair_step.j_label_comp_id_1 
_ndb_struct_na_base_pair_step.j_label_seq_id_1 
_ndb_struct_na_base_pair_step.j_symmetry_1 
_ndb_struct_na_base_pair_step.i_label_asym_id_2 
_ndb_struct_na_base_pair_step.i_label_comp_id_2 
_ndb_struct_na_base_pair_step.i_label_seq_id_2 
_ndb_struct_na_base_pair_step.i_symmetry_2 
_ndb_struct_na_base_pair_step.j_label_asym_id_2 
_ndb_struct_na_base_pair_step.j_label_comp_id_2 
_ndb_struct_na_base_pair_step.j_label_seq_id_2 
_ndb_struct_na_base_pair_step.j_symmetry_2 
_ndb_struct_na_base_pair_step.shift 
_ndb_struct_na_base_pair_step.slide 
_ndb_struct_na_base_pair_step.rise 
_ndb_struct_na_base_pair_step.tilt 
_ndb_struct_na_base_pair_step.roll 
_ndb_struct_na_base_pair_step.twist 
_ndb_struct_na_base_pair_step.x_displacement 
_ndb_struct_na_base_pair_step.y_displacement 
_ndb_struct_na_base_pair_step.helical_rise 
_ndb_struct_na_base_pair_step.inclination 
_ndb_struct_na_base_pair_step.tip 
_ndb_struct_na_base_pair_step.helical_twist 
_ndb_struct_na_base_pair_step.step_number 
_ndb_struct_na_base_pair_step.step_name 
_ndb_struct_na_base_pair_step.i_auth_asym_id_1 
_ndb_struct_na_base_pair_step.i_auth_seq_id_1 
_ndb_struct_na_base_pair_step.i_PDB_ins_code_1 
_ndb_struct_na_base_pair_step.j_auth_asym_id_1 
_ndb_struct_na_base_pair_step.j_auth_seq_id_1 
_ndb_struct_na_base_pair_step.j_PDB_ins_code_1 
_ndb_struct_na_base_pair_step.i_auth_asym_id_2 
_ndb_struct_na_base_pair_step.i_auth_seq_id_2 
_ndb_struct_na_base_pair_step.i_PDB_ins_code_2 
_ndb_struct_na_base_pair_step.j_auth_asym_id_2 
_ndb_struct_na_base_pair_step.j_auth_seq_id_2 
_ndb_struct_na_base_pair_step.j_PDB_ins_code_2 
1 A DC  1 1_555 B DG  10 1_555 A 5CM 2  1_555 B DG  9 1_555 0.555  -1.613 3.367 -0.899 3.121  33.661 -3.281 -1.101 3.193 5.374  
1.548  33.813 1 AA_DC15CM2:DG19DG20_BB  A 1 ? B 20 ? A 2  ? B 19 ? 
1 A 5CM 2 1_555 B DG  9  1_555 A DG  3  1_555 B 5CM 8 1_555 -0.220 -2.075 3.643 0.133  5.399  25.607 -6.122 0.525  3.145 12.012 
-0.297 26.161 2 AA_5CM2DG3:5CM18DG19_BB A 2 ? B 19 ? A 3  ? B 18 ? 
1 A DG  3 1_555 B 5CM 8  1_555 A DG  4  1_555 B DC  7 1_555 -1.383 -1.639 3.106 -5.442 6.181  35.282 -3.455 1.507  2.960 10.030 
8.831  36.200 3 AA_DG3DG4:DC175CM18_BB  A 3 ? B 18 ? A 4  ? B 17 ? 
1 A DG  4 1_555 B DC  7  1_555 A DG  5  1_555 B DC  6 1_555 1.036  -1.946 3.366 3.544  12.789 28.605 -5.803 -1.295 2.406 24.299 
-6.733 31.475 4 AA_DG4DG5:DC16DC17_BB   A 4 ? B 17 ? A 5  ? B 16 ? 
1 A DG  5 1_555 B DC  6  1_555 A DC  6  1_555 B DG  5 1_555 -0.989 -1.444 3.216 -0.716 8.989  33.305 -3.736 1.565  2.765 15.337 
1.222  34.471 5 AA_DG5DC6:DG15DC16_BB   A 5 ? B 16 ? A 6  ? B 15 ? 
1 A DC  6 1_555 B DG  5  1_555 A DC  7  1_555 B DG  4 1_555 1.427  -1.765 3.280 3.429  9.548  26.632 -5.643 -2.165 2.660 19.836 
-7.124 28.466 6 AA_DC6DC7:DG14DG15_BB   A 6 ? B 15 ? A 7  ? B 14 ? 
1 A DC  7 1_555 B DG  4  1_555 A 5CM 8  1_555 B DG  3 1_555 -0.376 -1.911 3.505 -0.749 4.399  28.071 -4.932 0.590  3.183 8.996  
1.531  28.416 7 AA_DC75CM8:DG13DG14_BB  A 7 ? B 14 ? A 8  ? B 13 ? 
1 A 5CM 8 1_555 B DG  3  1_555 A DG  9  1_555 B 5CM 2 1_555 0.067  -2.162 3.700 0.503  6.073  24.402 -6.848 0.002  3.080 14.088 
-1.166 25.140 8 AA_5CM8DG9:5CM12DG13_BB A 8 ? B 13 ? A 9  ? B 12 ? 
1 A DG  9 1_555 B 5CM 2  1_555 A DG  10 1_555 B DC  1 1_555 -0.382 -1.996 3.218 1.306  1.737  37.184 -3.349 0.766  3.110 2.722  
-2.046 37.245 9 AA_DG9DG10:DC115CM12_BB A 9 ? B 12 ? A 10 ? B 11 ? 
# 
_atom_sites.entry_id                    326D 
_atom_sites.fract_transf_matrix[1][1]   0.01157633 
_atom_sites.fract_transf_matrix[1][2]   -0.03176659 
_atom_sites.fract_transf_matrix[1][3]   -0.02188305 
_atom_sites.fract_transf_matrix[2][1]   0.02089540 
_atom_sites.fract_transf_matrix[2][2]   0.00794751 
_atom_sites.fract_transf_matrix[2][3]   -0.00048317 
_atom_sites.fract_transf_matrix[3][1]   0.00438649 
_atom_sites.fract_transf_matrix[3][2]   -0.01046794 
_atom_sites.fract_transf_matrix[3][3]   0.01751631 
_atom_sites.fract_transf_vector[1]      0.109622 
_atom_sites.fract_transf_vector[2]      -0.024318 
_atom_sites.fract_transf_vector[3]      0.229668 
# 
loop_
_atom_type.symbol 
C 
N 
O 
P 
# 
loop_
_atom_site.group_PDB 
_atom_site.id 
_atom_site.type_symbol 
_atom_site.label_atom_id 
_atom_site.label_alt_id 
_atom_site.label_comp_id 
_atom_site.label_asym_id 
_atom_site.label_entity_id 
_atom_site.label_seq_id 
_atom_site.pdbx_PDB_ins_code 
_atom_site.Cartn_x 
_atom_site.Cartn_y 
_atom_site.Cartn_z 
_atom_site.occupancy 
_atom_site.B_iso_or_equiv 
_atom_site.pdbx_formal_charge 
_atom_site.auth_seq_id 
_atom_site.auth_comp_id 
_atom_site.auth_asym_id 
_atom_site.auth_atom_id 
_atom_site.pdbx_PDB_model_num 
ATOM   1   O "O5'" . DC  A 1 1  ? 5.244   11.557  -0.382  1.00 43.49 ? 1   DC  A "O5'" 1 
ATOM   2   C "C5'" . DC  A 1 1  ? 6.375   11.827  -1.236  1.00 44.65 ? 1   DC  A "C5'" 1 
ATOM   3   C "C4'" . DC  A 1 1  ? 7.652   11.291  -0.651  1.00 37.48 ? 1   DC  A "C4'" 1 
ATOM   4   O "O4'" . DC  A 1 1  ? 7.781   11.791  0.679   1.00 43.74 ? 1   DC  A "O4'" 1 
ATOM   5   C "C3'" . DC  A 1 1  ? 7.641   9.805   -0.479  1.00 41.12 ? 1   DC  A "C3'" 1 
ATOM   6   O "O3'" . DC  A 1 1  ? 8.118   9.258   -1.689  1.00 47.61 ? 1   DC  A "O3'" 1 
ATOM   7   C "C2'" . DC  A 1 1  ? 8.749   9.698   0.566   1.00 41.83 ? 1   DC  A "C2'" 1 
ATOM   8   C "C1'" . DC  A 1 1  ? 8.342   10.776  1.525   1.00 41.17 ? 1   DC  A "C1'" 1 
ATOM   9   N N1    . DC  A 1 1  ? 7.417   10.360  2.660   1.00 35.40 ? 1   DC  A N1    1 
ATOM   10  C C2    . DC  A 1 1  ? 7.907   9.595   3.738   1.00 35.32 ? 1   DC  A C2    1 
ATOM   11  O O2    . DC  A 1 1  ? 9.055   9.144   3.759   1.00 40.07 ? 1   DC  A O2    1 
ATOM   12  N N3    . DC  A 1 1  ? 7.041   9.312   4.763   1.00 31.34 ? 1   DC  A N3    1 
ATOM   13  C C4    . DC  A 1 1  ? 5.769   9.727   4.752   1.00 39.18 ? 1   DC  A C4    1 
ATOM   14  N N4    . DC  A 1 1  ? 4.968   9.431   5.746   1.00 34.54 ? 1   DC  A N4    1 
ATOM   15  C C5    . DC  A 1 1  ? 5.248   10.482  3.700   1.00 38.08 ? 1   DC  A C5    1 
ATOM   16  C C6    . DC  A 1 1  ? 6.094   10.770  2.690   1.00 38.46 ? 1   DC  A C6    1 
HETATM 17  N N1    . 5CM A 1 2  ? 8.135   5.858   2.711   1.00 43.23 ? 2   5CM A N1    1 
HETATM 18  C C2    . 5CM A 1 2  ? 7.828   5.290   3.932   1.00 40.41 ? 2   5CM A C2    1 
HETATM 19  N N3    . 5CM A 1 2  ? 6.579   5.476   4.434   1.00 30.48 ? 2   5CM A N3    1 
HETATM 20  C C4    . 5CM A 1 2  ? 5.651   6.182   3.802   1.00 41.63 ? 2   5CM A C4    1 
HETATM 21  C C5    . 5CM A 1 2  ? 5.973   6.761   2.542   1.00 34.95 ? 2   5CM A C5    1 
HETATM 22  C C5A   . 5CM A 1 2  ? 5.061   7.593   1.670   1.00 19.47 ? 2   5CM A C5A   1 
HETATM 23  C C6    . 5CM A 1 2  ? 7.191   6.580   2.039   1.00 34.53 ? 2   5CM A C6    1 
HETATM 24  O O2    . 5CM A 1 2  ? 8.667   4.647   4.548   1.00 34.90 ? 2   5CM A O2    1 
HETATM 25  N N4    . 5CM A 1 2  ? 4.486   6.344   4.399   1.00 41.66 ? 2   5CM A N4    1 
HETATM 26  C "C1'" . 5CM A 1 2  ? 9.557   5.708   2.229   1.00 44.24 ? 2   5CM A "C1'" 1 
HETATM 27  C "C2'" . 5CM A 1 2  ? 9.982   4.331   1.697   1.00 42.03 ? 2   5CM A "C2'" 1 
HETATM 28  C "C3'" . 5CM A 1 2  ? 9.642   4.531   0.241   1.00 39.51 ? 2   5CM A "C3'" 1 
HETATM 29  C "C4'" . 5CM A 1 2  ? 10.280  5.895   0.042   1.00 48.73 ? 2   5CM A "C4'" 1 
HETATM 30  O "O4'" . 5CM A 1 2  ? 9.882   6.659   1.183   1.00 51.87 ? 2   5CM A "O4'" 1 
HETATM 31  O "O3'" . 5CM A 1 2  ? 10.402  3.619   -0.561  1.00 40.89 ? 2   5CM A "O3'" 1 
HETATM 32  C "C5'" . 5CM A 1 2  ? 9.804   6.600   -1.219  1.00 50.05 ? 2   5CM A "C5'" 1 
HETATM 33  O "O5'" . 5CM A 1 2  ? 8.420   6.889   -1.092  1.00 47.70 ? 2   5CM A "O5'" 1 
HETATM 34  P P     . 5CM A 1 2  ? 7.684   7.807   -2.139  1.00 47.72 ? 2   5CM A P     1 
HETATM 35  O OP1   . 5CM A 1 2  ? 8.296   7.519   -3.463  1.00 47.27 ? 2   5CM A OP1   1 
HETATM 36  O OP2   . 5CM A 1 2  ? 6.228   7.618   -1.928  1.00 45.78 ? 2   5CM A OP2   1 
ATOM   37  P P     . DG  A 1 3  ? 9.803   2.190   -0.927  1.00 50.67 ? 3   DG  A P     1 
ATOM   38  O OP1   . DG  A 1 3  ? 10.650  1.641   -1.998  1.00 40.25 ? 3   DG  A OP1   1 
ATOM   39  O OP2   . DG  A 1 3  ? 8.345   2.291   -1.067  1.00 39.61 ? 3   DG  A OP2   1 
ATOM   40  O "O5'" . DG  A 1 3  ? 10.167  1.437   0.394   1.00 42.46 ? 3   DG  A "O5'" 1 
ATOM   41  C "C5'" . DG  A 1 3  ? 9.707   0.179   0.702   1.00 39.66 ? 3   DG  A "C5'" 1 
ATOM   42  C "C4'" . DG  A 1 3  ? 9.973   -0.087  2.145   1.00 31.33 ? 3   DG  A "C4'" 1 
ATOM   43  O "O4'" . DG  A 1 3  ? 9.584   1.021   2.886   1.00 41.32 ? 3   DG  A "O4'" 1 
ATOM   44  C "C3'" . DG  A 1 3  ? 9.011   -1.156  2.543   1.00 40.01 ? 3   DG  A "C3'" 1 
ATOM   45  O "O3'" . DG  A 1 3  ? 9.677   -2.390  2.322   1.00 39.09 ? 3   DG  A "O3'" 1 
ATOM   46  C "C2'" . DG  A 1 3  ? 8.938   -0.912  4.010   1.00 39.57 ? 3   DG  A "C2'" 1 
ATOM   47  C "C1'" . DG  A 1 3  ? 8.756   0.596   3.975   1.00 32.41 ? 3   DG  A "C1'" 1 
ATOM   48  N N9    . DG  A 1 3  ? 7.350   1.101   3.858   1.00 39.08 ? 3   DG  A N9    1 
ATOM   49  C C8    . DG  A 1 3  ? 6.776   1.922   2.921   1.00 32.63 ? 3   DG  A C8    1 
ATOM   50  N N7    . DG  A 1 3  ? 5.547   2.237   3.157   1.00 36.24 ? 3   DG  A N7    1 
ATOM   51  C C5    . DG  A 1 3  ? 5.261   1.571   4.350   1.00 36.75 ? 3   DG  A C5    1 
ATOM   52  C C6    . DG  A 1 3  ? 4.081   1.560   5.170   1.00 41.01 ? 3   DG  A C6    1 
ATOM   53  O O6    . DG  A 1 3  ? 3.017   2.137   5.006   1.00 43.63 ? 3   DG  A O6    1 
ATOM   54  N N1    . DG  A 1 3  ? 4.232   0.811   6.318   1.00 28.84 ? 3   DG  A N1    1 
ATOM   55  C C2    . DG  A 1 3  ? 5.373   0.127   6.652   1.00 37.17 ? 3   DG  A C2    1 
ATOM   56  N N2    . DG  A 1 3  ? 5.353   -0.603  7.781   1.00 39.08 ? 3   DG  A N2    1 
ATOM   57  N N3    . DG  A 1 3  ? 6.471   0.140   5.905   1.00 34.56 ? 3   DG  A N3    1 
ATOM   58  C C4    . DG  A 1 3  ? 6.358   0.871   4.772   1.00 43.44 ? 3   DG  A C4    1 
ATOM   59  P P     . DG  A 1 4  ? 8.840   -3.704  1.984   1.00 44.78 ? 4   DG  A P     1 
ATOM   60  O OP1   . DG  A 1 4  ? 9.798   -4.712  1.493   1.00 41.76 ? 4   DG  A OP1   1 
ATOM   61  O OP2   . DG  A 1 4  ? 7.671   -3.337  1.153   1.00 44.38 ? 4   DG  A OP2   1 
ATOM   62  O "O5'" . DG  A 1 4  ? 8.345   -4.132  3.434   1.00 45.60 ? 4   DG  A "O5'" 1 
ATOM   63  C "C5'" . DG  A 1 4  ? 9.139   -4.839  4.376   1.00 40.88 ? 4   DG  A "C5'" 1 
ATOM   64  C "C4'" . DG  A 1 4  ? 8.200   -5.327  5.439   1.00 37.31 ? 4   DG  A "C4'" 1 
ATOM   65  O "O4'" . DG  A 1 4  ? 7.618   -4.175  6.060   1.00 38.13 ? 4   DG  A "O4'" 1 
ATOM   66  C "C3'" . DG  A 1 4  ? 7.020   -6.013  4.812   1.00 33.95 ? 4   DG  A "C3'" 1 
ATOM   67  O "O3'" . DG  A 1 4  ? 7.368   -7.366  4.661   1.00 31.48 ? 4   DG  A "O3'" 1 
ATOM   68  C "C2'" . DG  A 1 4  ? 6.057   -5.922  5.948   1.00 43.02 ? 4   DG  A "C2'" 1 
ATOM   69  C "C1'" . DG  A 1 4  ? 6.229   -4.470  6.330   1.00 36.74 ? 4   DG  A "C1'" 1 
ATOM   70  N N9    . DG  A 1 4  ? 5.276   -3.607  5.616   1.00 32.02 ? 4   DG  A N9    1 
ATOM   71  C C8    . DG  A 1 4  ? 5.462   -2.771  4.542   1.00 33.27 ? 4   DG  A C8    1 
ATOM   72  N N7    . DG  A 1 4  ? 4.428   -2.049  4.238   1.00 37.68 ? 4   DG  A N7    1 
ATOM   73  C C5    . DG  A 1 4  ? 3.489   -2.429  5.173   1.00 33.94 ? 4   DG  A C5    1 
ATOM   74  C C6    . DG  A 1 4  ? 2.233   -1.894  5.422   1.00 24.65 ? 4   DG  A C6    1 
ATOM   75  O O6    . DG  A 1 4  ? 1.689   -1.022  4.777   1.00 23.22 ? 4   DG  A O6    1 
ATOM   76  N N1    . DG  A 1 4  ? 1.613   -2.448  6.524   1.00 32.91 ? 4   DG  A N1    1 
ATOM   77  C C2    . DG  A 1 4  ? 2.184   -3.434  7.313   1.00 34.72 ? 4   DG  A C2    1 
ATOM   78  N N2    . DG  A 1 4  ? 1.469   -3.883  8.347   1.00 31.14 ? 4   DG  A N2    1 
ATOM   79  N N3    . DG  A 1 4  ? 3.402   -3.942  7.076   1.00 33.20 ? 4   DG  A N3    1 
ATOM   80  C C4    . DG  A 1 4  ? 3.987   -3.392  5.994   1.00 29.56 ? 4   DG  A C4    1 
ATOM   81  P P     . DG  A 1 5  ? 6.562   -8.227  3.563   1.00 44.92 ? 5   DG  A P     1 
ATOM   82  O OP1   . DG  A 1 5  ? 7.209   -9.556  3.542   1.00 44.08 ? 5   DG  A OP1   1 
ATOM   83  O OP2   . DG  A 1 5  ? 6.349   -7.484  2.293   1.00 35.48 ? 5   DG  A OP2   1 
ATOM   84  O "O5'" . DG  A 1 5  ? 5.125   -8.420  4.248   1.00 43.00 ? 5   DG  A "O5'" 1 
ATOM   85  C "C5'" . DG  A 1 5  ? 3.926   -8.556  3.490   1.00 35.61 ? 5   DG  A "C5'" 1 
ATOM   86  C "C4'" . DG  A 1 5  ? 2.699   -8.423  4.418   1.00 36.46 ? 5   DG  A "C4'" 1 
ATOM   87  O "O4'" . DG  A 1 5  ? 2.672   -7.111  5.003   1.00 42.73 ? 5   DG  A "O4'" 1 
ATOM   88  C "C3'" . DG  A 1 5  ? 1.411   -8.510  3.654   1.00 36.30 ? 5   DG  A "C3'" 1 
ATOM   89  O "O3'" . DG  A 1 5  ? 1.102   -9.899  3.582   1.00 40.00 ? 5   DG  A "O3'" 1 
ATOM   90  C "C2'" . DG  A 1 5  ? 0.480   -7.865  4.635   1.00 35.17 ? 5   DG  A "C2'" 1 
ATOM   91  C "C1'" . DG  A 1 5  ? 1.328   -6.656  5.022   1.00 31.48 ? 5   DG  A "C1'" 1 
ATOM   92  N N9    . DG  A 1 5  ? 1.218   -5.460  4.156   1.00 31.11 ? 5   DG  A N9    1 
ATOM   93  C C8    . DG  A 1 5  ? 2.125   -4.914  3.269   1.00 24.07 ? 5   DG  A C8    1 
ATOM   94  N N7    . DG  A 1 5  ? 1.698   -3.843  2.678   1.00 38.42 ? 5   DG  A N7    1 
ATOM   95  C C5    . DG  A 1 5  ? 0.426   -3.657  3.213   1.00 22.78 ? 5   DG  A C5    1 
ATOM   96  C C6    . DG  A 1 5  ? -0.503  -2.627  2.969   1.00 24.49 ? 5   DG  A C6    1 
ATOM   97  O O6    . DG  A 1 5  ? -0.363  -1.679  2.199   1.00 25.20 ? 5   DG  A O6    1 
ATOM   98  N N1    . DG  A 1 5  ? -1.665  -2.773  3.728   1.00 20.28 ? 5   DG  A N1    1 
ATOM   99  C C2    . DG  A 1 5  ? -1.870  -3.797  4.635   1.00 28.86 ? 5   DG  A C2    1 
ATOM   100 N N2    . DG  A 1 5  ? -2.998  -3.794  5.313   1.00 21.24 ? 5   DG  A N2    1 
ATOM   101 N N3    . DG  A 1 5  ? -0.980  -4.773  4.864   1.00 20.13 ? 5   DG  A N3    1 
ATOM   102 C C4    . DG  A 1 5  ? 0.134   -4.638  4.112   1.00 28.11 ? 5   DG  A C4    1 
ATOM   103 P P     . DC  A 1 6  ? 0.418   -10.463 2.236   1.00 39.65 ? 6   DC  A P     1 
ATOM   104 O OP1   . DC  A 1 6  ? 0.487   -11.930 2.347   1.00 40.86 ? 6   DC  A OP1   1 
ATOM   105 O OP2   . DC  A 1 6  ? 0.947   -9.767  1.039   1.00 40.43 ? 6   DC  A OP2   1 
ATOM   106 O "O5'" . DC  A 1 6  ? -1.081  -10.038 2.493   1.00 38.39 ? 6   DC  A "O5'" 1 
ATOM   107 C "C5'" . DC  A 1 6  ? -1.905  -10.784 3.393   1.00 41.65 ? 6   DC  A "C5'" 1 
ATOM   108 C "C4'" . DC  A 1 6  ? -3.293  -10.192 3.511   1.00 45.35 ? 6   DC  A "C4'" 1 
ATOM   109 O "O4'" . DC  A 1 6  ? -3.103  -8.871  3.990   1.00 35.94 ? 6   DC  A "O4'" 1 
ATOM   110 C "C3'" . DC  A 1 6  ? -3.941  -9.983  2.167   1.00 39.97 ? 6   DC  A "C3'" 1 
ATOM   111 O "O3'" . DC  A 1 6  ? -4.574  -11.194 1.787   1.00 48.76 ? 6   DC  A "O3'" 1 
ATOM   112 C "C2'" . DC  A 1 6  ? -4.980  -8.980  2.561   1.00 38.19 ? 6   DC  A "C2'" 1 
ATOM   113 C "C1'" . DC  A 1 6  ? -4.089  -8.017  3.342   1.00 34.50 ? 6   DC  A "C1'" 1 
ATOM   114 N N1    . DC  A 1 6  ? -3.485  -6.915  2.507   1.00 36.07 ? 6   DC  A N1    1 
ATOM   115 C C2    . DC  A 1 6  ? -4.229  -5.779  2.270   1.00 28.79 ? 6   DC  A C2    1 
ATOM   116 O O2    . DC  A 1 6  ? -5.359  -5.636  2.726   1.00 35.99 ? 6   DC  A O2    1 
ATOM   117 N N3    . DC  A 1 6  ? -3.657  -4.797  1.541   1.00 33.32 ? 6   DC  A N3    1 
ATOM   118 C C4    . DC  A 1 6  ? -2.425  -4.907  1.069   1.00 30.23 ? 6   DC  A C4    1 
ATOM   119 N N4    . DC  A 1 6  ? -1.865  -3.926  0.370   1.00 39.72 ? 6   DC  A N4    1 
ATOM   120 C C5    . DC  A 1 6  ? -1.643  -6.061  1.298   1.00 38.74 ? 6   DC  A C5    1 
ATOM   121 C C6    . DC  A 1 6  ? -2.212  -7.028  2.019   1.00 33.81 ? 6   DC  A C6    1 
ATOM   122 P P     . DC  A 1 7  ? -4.466  -11.653 0.231   1.00 39.51 ? 7   DC  A P     1 
ATOM   123 O OP1   . DC  A 1 7  ? -5.058  -13.002 0.153   1.00 52.03 ? 7   DC  A OP1   1 
ATOM   124 O OP2   . DC  A 1 7  ? -3.094  -11.410 -0.288  1.00 51.20 ? 7   DC  A OP2   1 
ATOM   125 O "O5'" . DC  A 1 7  ? -5.452  -10.652 -0.556  1.00 47.27 ? 7   DC  A "O5'" 1 
ATOM   126 C "C5'" . DC  A 1 7  ? -6.865  -10.625 -0.352  1.00 32.57 ? 7   DC  A "C5'" 1 
ATOM   127 C "C4'" . DC  A 1 7  ? -7.407  -9.275  -0.773  1.00 34.77 ? 7   DC  A "C4'" 1 
ATOM   128 O "O4'" . DC  A 1 7  ? -6.581  -8.224  -0.208  1.00 31.06 ? 7   DC  A "O4'" 1 
ATOM   129 C "C3'" . DC  A 1 7  ? -7.325  -9.002  -2.196  1.00 32.78 ? 7   DC  A "C3'" 1 
ATOM   130 O "O3'" . DC  A 1 7  ? -8.441  -9.628  -2.804  1.00 37.38 ? 7   DC  A "O3'" 1 
ATOM   131 C "C2'" . DC  A 1 7  ? -7.636  -7.510  -2.135  1.00 31.68 ? 7   DC  A "C2'" 1 
ATOM   132 C "C1'" . DC  A 1 7  ? -6.715  -7.065  -0.996  1.00 29.79 ? 7   DC  A "C1'" 1 
ATOM   133 N N1    . DC  A 1 7  ? -5.427  -6.468  -1.458  1.00 30.96 ? 7   DC  A N1    1 
ATOM   134 C C2    . DC  A 1 7  ? -5.489  -5.131  -1.837  1.00 21.59 ? 7   DC  A C2    1 
ATOM   135 O O2    . DC  A 1 7  ? -6.524  -4.464  -1.771  1.00 29.70 ? 7   DC  A O2    1 
ATOM   136 N N3    . DC  A 1 7  ? -4.350  -4.511  -2.252  1.00 28.09 ? 7   DC  A N3    1 
ATOM   137 C C4    . DC  A 1 7  ? -3.182  -5.165  -2.292  1.00 30.74 ? 7   DC  A C4    1 
ATOM   138 N N4    . DC  A 1 7  ? -2.122  -4.435  -2.669  1.00 29.13 ? 7   DC  A N4    1 
ATOM   139 C C5    . DC  A 1 7  ? -3.092  -6.543  -1.900  1.00 33.91 ? 7   DC  A C5    1 
ATOM   140 C C6    . DC  A 1 7  ? -4.234  -7.136  -1.499  1.00 31.71 ? 7   DC  A C6    1 
HETATM 141 N N1    . 5CM A 1 8  ? -7.362  -4.792  -5.642  1.00 25.45 ? 8   5CM A N1    1 
HETATM 142 C C2    . 5CM A 1 8  ? -6.816  -3.592  -6.065  1.00 29.34 ? 8   5CM A C2    1 
HETATM 143 N N3    . 5CM A 1 8  ? -5.466  -3.500  -6.250  1.00 24.01 ? 8   5CM A N3    1 
HETATM 144 C C4    . 5CM A 1 8  ? -4.667  -4.571  -6.004  1.00 23.83 ? 8   5CM A C4    1 
HETATM 145 C C5    . 5CM A 1 8  ? -5.247  -5.813  -5.541  1.00 19.97 ? 8   5CM A C5    1 
HETATM 146 C C5A   . 5CM A 1 8  ? -4.433  -7.044  -5.201  1.00 28.54 ? 8   5CM A C5A   1 
HETATM 147 C C6    . 5CM A 1 8  ? -6.574  -5.869  -5.386  1.00 19.33 ? 8   5CM A C6    1 
HETATM 148 O O2    . 5CM A 1 8  ? -7.511  -2.613  -6.210  1.00 27.51 ? 8   5CM A O2    1 
HETATM 149 N N4    . 5CM A 1 8  ? -3.344  -4.453  -6.174  1.00 19.84 ? 8   5CM A N4    1 
HETATM 150 C "C1'" . 5CM A 1 8  ? -8.828  -4.895  -5.472  1.00 25.21 ? 8   5CM A "C1'" 1 
HETATM 151 C "C2'" . 5CM A 1 8  ? -9.608  -4.989  -6.792  1.00 34.81 ? 8   5CM A "C2'" 1 
HETATM 152 C "C3'" . 5CM A 1 8  ? -9.716  -6.475  -6.935  1.00 35.73 ? 8   5CM A "C3'" 1 
HETATM 153 C "C4'" . 5CM A 1 8  ? -10.161 -6.774  -5.567  1.00 28.59 ? 8   5CM A "C4'" 1 
HETATM 154 O "O4'" . 5CM A 1 8  ? -9.219  -6.072  -4.746  1.00 27.87 ? 8   5CM A "O4'" 1 
HETATM 155 O "O3'" . 5CM A 1 8  ? -10.796 -6.748  -7.793  1.00 34.45 ? 8   5CM A "O3'" 1 
HETATM 156 C "C5'" . 5CM A 1 8  ? -10.096 -8.184  -5.094  1.00 29.69 ? 8   5CM A "C5'" 1 
HETATM 157 O "O5'" . 5CM A 1 8  ? -8.739  -8.589  -5.114  1.00 31.71 ? 8   5CM A "O5'" 1 
HETATM 158 P P     . 5CM A 1 8  ? -8.349  -9.968  -4.403  1.00 34.55 ? 8   5CM A P     1 
HETATM 159 O OP1   . 5CM A 1 8  ? -9.421  -10.960 -4.682  1.00 32.89 ? 8   5CM A OP1   1 
HETATM 160 O OP2   . 5CM A 1 8  ? -6.971  -10.240 -4.803  1.00 37.92 ? 8   5CM A OP2   1 
ATOM   161 P P     . DG  A 1 9  ? -10.473 -7.003  -9.345  1.00 34.18 ? 9   DG  A P     1 
ATOM   162 O OP1   . DG  A 1 9  ? -11.717 -7.544  -9.971  1.00 36.71 ? 9   DG  A OP1   1 
ATOM   163 O OP2   . DG  A 1 9  ? -9.175  -7.740  -9.415  1.00 31.56 ? 9   DG  A OP2   1 
ATOM   164 O "O5'" . DG  A 1 9  ? -10.233 -5.591  -10.014 1.00 40.31 ? 9   DG  A "O5'" 1 
ATOM   165 C "C5'" . DG  A 1 9  ? -11.316 -4.724  -10.280 1.00 40.21 ? 9   DG  A "C5'" 1 
ATOM   166 C "C4'" . DG  A 1 9  ? -10.762 -3.407  -10.726 1.00 32.39 ? 9   DG  A "C4'" 1 
ATOM   167 O "O4'" . DG  A 1 9  ? -9.800  -2.957  -9.762  1.00 35.74 ? 9   DG  A "O4'" 1 
ATOM   168 C "C3'" . DG  A 1 9  ? -9.928  -3.502  -11.956 1.00 32.70 ? 9   DG  A "C3'" 1 
ATOM   169 O "O3'" . DG  A 1 9  ? -10.846 -3.483  -13.040 1.00 38.97 ? 9   DG  A "O3'" 1 
ATOM   170 C "C2'" . DG  A 1 9  ? -9.224  -2.126  -11.857 1.00 37.38 ? 9   DG  A "C2'" 1 
ATOM   171 C "C1'" . DG  A 1 9  ? -8.788  -2.167  -10.414 1.00 31.86 ? 9   DG  A "C1'" 1 
ATOM   172 N N9    . DG  A 1 9  ? -7.454  -2.742  -10.229 1.00 32.48 ? 9   DG  A N9    1 
ATOM   173 C C8    . DG  A 1 9  ? -7.067  -3.954  -9.711  1.00 22.86 ? 9   DG  A C8    1 
ATOM   174 N N7    . DG  A 1 9  ? -5.794  -4.173  -9.729  1.00 25.80 ? 9   DG  A N7    1 
ATOM   175 C C5    . DG  A 1 9  ? -5.286  -3.010  -10.297 1.00 27.45 ? 9   DG  A C5    1 
ATOM   176 C C6    . DG  A 1 9  ? -3.934  -2.648  -10.549 1.00 26.97 ? 9   DG  A C6    1 
ATOM   177 O O6    . DG  A 1 9  ? -2.911  -3.299  -10.320 1.00 28.38 ? 9   DG  A O6    1 
ATOM   178 N N1    . DG  A 1 9  ? -3.836  -1.370  -11.112 1.00 25.63 ? 9   DG  A N1    1 
ATOM   179 C C2    . DG  A 1 9  ? -4.925  -0.538  -11.393 1.00 23.21 ? 9   DG  A C2    1 
ATOM   180 N N2    . DG  A 1 9  ? -4.617  0.636   -11.966 1.00 23.47 ? 9   DG  A N2    1 
ATOM   181 N N3    . DG  A 1 9  ? -6.219  -0.874  -11.145 1.00 31.19 ? 9   DG  A N3    1 
ATOM   182 C C4    . DG  A 1 9  ? -6.307  -2.123  -10.599 1.00 27.75 ? 9   DG  A C4    1 
ATOM   183 P P     . DG  A 1 10 ? -10.380 -4.135  -14.417 1.00 39.44 ? 10  DG  A P     1 
ATOM   184 O OP1   . DG  A 1 10 ? -11.510 -4.078  -15.378 1.00 43.42 ? 10  DG  A OP1   1 
ATOM   185 O OP2   . DG  A 1 10 ? -9.721  -5.408  -14.123 1.00 42.30 ? 10  DG  A OP2   1 
ATOM   186 O "O5'" . DG  A 1 10 ? -9.272  -3.113  -14.977 1.00 42.82 ? 10  DG  A "O5'" 1 
ATOM   187 C "C5'" . DG  A 1 10 ? -9.631  -1.876  -15.636 1.00 41.75 ? 10  DG  A "C5'" 1 
ATOM   188 C "C4'" . DG  A 1 10 ? -8.388  -1.104  -16.127 1.00 42.53 ? 10  DG  A "C4'" 1 
ATOM   189 O "O4'" . DG  A 1 10 ? -7.475  -0.962  -15.050 1.00 39.59 ? 10  DG  A "O4'" 1 
ATOM   190 C "C3'" . DG  A 1 10 ? -7.595  -1.839  -17.178 1.00 46.57 ? 10  DG  A "C3'" 1 
ATOM   191 O "O3'" . DG  A 1 10 ? -8.245  -1.637  -18.415 1.00 38.21 ? 10  DG  A "O3'" 1 
ATOM   192 C "C2'" . DG  A 1 10 ? -6.300  -1.101  -17.105 1.00 41.30 ? 10  DG  A "C2'" 1 
ATOM   193 C "C1'" . DG  A 1 10 ? -6.142  -0.948  -15.604 1.00 44.35 ? 10  DG  A "C1'" 1 
ATOM   194 N N9    . DG  A 1 10 ? -5.296  -1.984  -14.986 1.00 35.57 ? 10  DG  A N9    1 
ATOM   195 C C8    . DG  A 1 10 ? -5.653  -3.141  -14.334 1.00 42.97 ? 10  DG  A C8    1 
ATOM   196 N N7    . DG  A 1 10 ? -4.649  -3.806  -13.856 1.00 25.70 ? 10  DG  A N7    1 
ATOM   197 C C5    . DG  A 1 10 ? -3.545  -3.033  -14.213 1.00 34.00 ? 10  DG  A C5    1 
ATOM   198 C C6    . DG  A 1 10 ? -2.181  -3.263  -13.975 1.00 33.97 ? 10  DG  A C6    1 
ATOM   199 O O6    . DG  A 1 10 ? -1.686  -4.222  -13.422 1.00 31.42 ? 10  DG  A O6    1 
ATOM   200 N N1    . DG  A 1 10 ? -1.377  -2.273  -14.504 1.00 35.24 ? 10  DG  A N1    1 
ATOM   201 C C2    . DG  A 1 10 ? -1.862  -1.177  -15.180 1.00 25.77 ? 10  DG  A C2    1 
ATOM   202 N N2    . DG  A 1 10 ? -0.945  -0.339  -15.597 1.00 36.18 ? 10  DG  A N2    1 
ATOM   203 N N3    . DG  A 1 10 ? -3.148  -0.922  -15.440 1.00 31.39 ? 10  DG  A N3    1 
ATOM   204 C C4    . DG  A 1 10 ? -3.928  -1.916  -14.918 1.00 32.12 ? 10  DG  A C4    1 
ATOM   205 O "O5'" . DC  B 1 1  ? 6.795   -2.179  -11.488 1.00 49.32 ? 11  DC  B "O5'" 1 
ATOM   206 C "C5'" . DC  B 1 1  ? 7.659   -1.372  -12.336 1.00 42.98 ? 11  DC  B "C5'" 1 
ATOM   207 C "C4'" . DC  B 1 1  ? 6.921   -0.636  -13.460 1.00 52.41 ? 11  DC  B "C4'" 1 
ATOM   208 O "O4'" . DC  B 1 1  ? 6.340   -1.572  -14.407 1.00 43.03 ? 11  DC  B "O4'" 1 
ATOM   209 C "C3'" . DC  B 1 1  ? 5.743   0.093   -12.900 1.00 40.19 ? 11  DC  B "C3'" 1 
ATOM   210 O "O3'" . DC  B 1 1  ? 6.245   1.310   -12.405 1.00 41.28 ? 11  DC  B "O3'" 1 
ATOM   211 C "C2'" . DC  B 1 1  ? 5.035   0.350   -14.192 1.00 44.41 ? 11  DC  B "C2'" 1 
ATOM   212 C "C1'" . DC  B 1 1  ? 5.052   -1.051  -14.793 1.00 51.04 ? 11  DC  B "C1'" 1 
ATOM   213 N N1    . DC  B 1 1  ? 3.926   -1.967  -14.360 1.00 37.38 ? 11  DC  B N1    1 
ATOM   214 C C2    . DC  B 1 1  ? 2.579   -1.619  -14.562 1.00 40.46 ? 11  DC  B C2    1 
ATOM   215 O O2    . DC  B 1 1  ? 2.239   -0.567  -15.088 1.00 41.98 ? 11  DC  B O2    1 
ATOM   216 N N3    . DC  B 1 1  ? 1.617   -2.484  -14.197 1.00 35.84 ? 11  DC  B N3    1 
ATOM   217 C C4    . DC  B 1 1  ? 1.931   -3.654  -13.653 1.00 50.52 ? 11  DC  B C4    1 
ATOM   218 N N4    . DC  B 1 1  ? 0.956   -4.487  -13.295 1.00 36.39 ? 11  DC  B N4    1 
ATOM   219 C C5    . DC  B 1 1  ? 3.280   -4.049  -13.434 1.00 41.45 ? 11  DC  B C5    1 
ATOM   220 C C6    . DC  B 1 1  ? 4.230   -3.178  -13.799 1.00 41.75 ? 11  DC  B C6    1 
HETATM 221 N N1    . 5CM B 1 2  ? 0.596   0.889   -12.309 1.00 38.86 ? 12  5CM B N1    1 
HETATM 222 C C2    . 5CM B 1 2  ? -0.648  0.283   -12.135 1.00 44.52 ? 12  5CM B C2    1 
HETATM 223 N N3    . 5CM B 1 2  ? -0.690  -0.925  -11.479 1.00 42.86 ? 12  5CM B N3    1 
HETATM 224 C C4    . 5CM B 1 2  ? 0.406   -1.517  -11.015 1.00 38.55 ? 12  5CM B C4    1 
HETATM 225 C C5    . 5CM B 1 2  ? 1.674   -0.911  -11.185 1.00 41.28 ? 12  5CM B C5    1 
HETATM 226 C C5A   . 5CM B 1 2  ? 2.909   -1.606  -10.704 1.00 23.15 ? 12  5CM B C5A   1 
HETATM 227 C C6    . 5CM B 1 2  ? 1.739   0.264   -11.816 1.00 30.96 ? 12  5CM B C6    1 
HETATM 228 O O2    . 5CM B 1 2  ? -1.675  0.846   -12.532 1.00 36.71 ? 12  5CM B O2    1 
HETATM 229 N N4    . 5CM B 1 2  ? 0.296   -2.692  -10.409 1.00 35.21 ? 12  5CM B N4    1 
HETATM 230 C "C1'" . 5CM B 1 2  ? 0.647   2.201   -13.094 1.00 38.26 ? 12  5CM B "C1'" 1 
HETATM 231 C "C2'" . 5CM B 1 2  ? 0.183   3.421   -12.342 1.00 41.49 ? 12  5CM B "C2'" 1 
HETATM 232 C "C3'" . 5CM B 1 2  ? 1.475   3.817   -11.751 1.00 38.68 ? 12  5CM B "C3'" 1 
HETATM 233 C "C4'" . 5CM B 1 2  ? 2.336   3.753   -12.956 1.00 41.60 ? 12  5CM B "C4'" 1 
HETATM 234 O "O4'" . 5CM B 1 2  ? 1.955   2.551   -13.565 1.00 42.32 ? 12  5CM B "O4'" 1 
HETATM 235 O "O3'" . 5CM B 1 2  ? 1.373   5.168   -11.380 1.00 43.32 ? 12  5CM B "O3'" 1 
HETATM 236 C "C5'" . 5CM B 1 2  ? 3.789   3.627   -12.647 1.00 39.71 ? 12  5CM B "C5'" 1 
HETATM 237 O "O5'" . 5CM B 1 2  ? 4.024   2.402   -11.926 1.00 37.42 ? 12  5CM B "O5'" 1 
HETATM 238 P P     . 5CM B 1 2  ? 5.453   2.030   -11.250 1.00 48.86 ? 12  5CM B P     1 
HETATM 239 O OP1   . 5CM B 1 2  ? 6.093   3.333   -10.936 1.00 39.45 ? 12  5CM B OP1   1 
HETATM 240 O OP2   . 5CM B 1 2  ? 5.209   1.051   -10.191 1.00 44.62 ? 12  5CM B OP2   1 
ATOM   241 P P     . DG  B 1 3  ? 1.195   5.531   -9.816  1.00 42.52 ? 13  DG  B P     1 
ATOM   242 O OP1   . DG  B 1 3  ? 1.370   6.979   -9.665  1.00 46.45 ? 13  DG  B OP1   1 
ATOM   243 O OP2   . DG  B 1 3  ? 2.031   4.637   -8.992  1.00 40.14 ? 13  DG  B OP2   1 
ATOM   244 O "O5'" . DG  B 1 3  ? -0.307  5.173   -9.562  1.00 35.37 ? 13  DG  B "O5'" 1 
ATOM   245 C "C5'" . DG  B 1 3  ? -1.342  6.029   -10.019 1.00 47.16 ? 13  DG  B "C5'" 1 
ATOM   246 C "C4'" . DG  B 1 3  ? -2.664  5.400   -9.779  1.00 36.10 ? 13  DG  B "C4'" 1 
ATOM   247 O "O4'" . DG  B 1 3  ? -2.686  4.132   -10.390 1.00 38.39 ? 13  DG  B "O4'" 1 
ATOM   248 C "C3'" . DG  B 1 3  ? -2.879  5.126   -8.335  1.00 38.26 ? 13  DG  B "C3'" 1 
ATOM   249 O "O3'" . DG  B 1 3  ? -3.322  6.345   -7.769  1.00 39.90 ? 13  DG  B "O3'" 1 
ATOM   250 C "C2'" . DG  B 1 3  ? -4.081  4.241   -8.504  1.00 39.43 ? 13  DG  B "C2'" 1 
ATOM   251 C "C1'" . DG  B 1 3  ? -3.591  3.341   -9.626  1.00 31.85 ? 13  DG  B "C1'" 1 
ATOM   252 N N9    . DG  B 1 3  ? -3.002  2.127   -9.049  1.00 38.93 ? 13  DG  B N9    1 
ATOM   253 C C8    . DG  B 1 3  ? -1.706  1.777   -8.884  1.00 35.79 ? 13  DG  B C8    1 
ATOM   254 N N7    . DG  B 1 3  ? -1.545  0.619   -8.334  1.00 31.86 ? 13  DG  B N7    1 
ATOM   255 C C5    . DG  B 1 3  ? -2.824  0.160   -8.109  1.00 22.56 ? 13  DG  B C5    1 
ATOM   256 C C6    . DG  B 1 3  ? -3.262  -1.003  -7.470  1.00 28.06 ? 13  DG  B C6    1 
ATOM   257 O O6    . DG  B 1 3  ? -2.574  -1.911  -7.050  1.00 28.37 ? 13  DG  B O6    1 
ATOM   258 N N1    . DG  B 1 3  ? -4.640  -1.048  -7.371  1.00 27.85 ? 13  DG  B N1    1 
ATOM   259 C C2    . DG  B 1 3  ? -5.485  -0.084  -7.844  1.00 32.12 ? 13  DG  B C2    1 
ATOM   260 N N2    . DG  B 1 3  ? -6.778  -0.291  -7.655  1.00 26.87 ? 13  DG  B N2    1 
ATOM   261 N N3    . DG  B 1 3  ? -5.066  1.017   -8.480  1.00 27.53 ? 13  DG  B N3    1 
ATOM   262 C C4    . DG  B 1 3  ? -3.726  1.071   -8.575  1.00 25.07 ? 13  DG  B C4    1 
ATOM   263 P P     . DG  B 1 4  ? -3.208  6.621   -6.195  1.00 41.74 ? 14  DG  B P     1 
ATOM   264 O OP1   . DG  B 1 4  ? -3.543  8.043   -6.049  1.00 54.64 ? 14  DG  B OP1   1 
ATOM   265 O OP2   . DG  B 1 4  ? -1.910  6.082   -5.672  1.00 41.92 ? 14  DG  B OP2   1 
ATOM   266 O "O5'" . DG  B 1 4  ? -4.390  5.780   -5.519  1.00 43.34 ? 14  DG  B "O5'" 1 
ATOM   267 C "C5'" . DG  B 1 4  ? -5.754  6.137   -5.662  1.00 44.60 ? 14  DG  B "C5'" 1 
ATOM   268 C "C4'" . DG  B 1 4  ? -6.642  4.981   -5.210  1.00 38.73 ? 14  DG  B "C4'" 1 
ATOM   269 O "O4'" . DG  B 1 4  ? -6.272  3.788   -5.922  1.00 32.08 ? 14  DG  B "O4'" 1 
ATOM   270 C "C3'" . DG  B 1 4  ? -6.462  4.592   -3.779  1.00 39.51 ? 14  DG  B "C3'" 1 
ATOM   271 O "O3'" . DG  B 1 4  ? -7.245  5.500   -2.986  1.00 41.66 ? 14  DG  B "O3'" 1 
ATOM   272 C "C2'" . DG  B 1 4  ? -7.172  3.247   -3.800  1.00 43.93 ? 14  DG  B "C2'" 1 
ATOM   273 C "C1'" . DG  B 1 4  ? -6.532  2.648   -5.057  1.00 33.91 ? 14  DG  B "C1'" 1 
ATOM   274 N N9    . DG  B 1 4  ? -5.353  1.806   -4.770  1.00 36.05 ? 14  DG  B N9    1 
ATOM   275 C C8    . DG  B 1 4  ? -4.037  2.033   -4.996  1.00 32.39 ? 14  DG  B C8    1 
ATOM   276 N N7    . DG  B 1 4  ? -3.243  1.075   -4.612  1.00 41.85 ? 14  DG  B N7    1 
ATOM   277 C C5    . DG  B 1 4  ? -4.116  0.132   -4.096  1.00 29.41 ? 14  DG  B C5    1 
ATOM   278 C C6    . DG  B 1 4  ? -3.847  -1.164  -3.563  1.00 22.09 ? 14  DG  B C6    1 
ATOM   279 O O6    . DG  B 1 4  ? -2.762  -1.744  -3.393  1.00 38.48 ? 14  DG  B O6    1 
ATOM   280 N N1    . DG  B 1 4  ? -5.023  -1.813  -3.207  1.00 28.06 ? 14  DG  B N1    1 
ATOM   281 C C2    . DG  B 1 4  ? -6.289  -1.293  -3.332  1.00 27.71 ? 14  DG  B C2    1 
ATOM   282 N N2    . DG  B 1 4  ? -7.290  -2.074  -2.899  1.00 31.46 ? 14  DG  B N2    1 
ATOM   283 N N3    . DG  B 1 4  ? -6.522  -0.072  -3.834  1.00 37.45 ? 14  DG  B N3    1 
ATOM   284 C C4    . DG  B 1 4  ? -5.398  0.580   -4.193  1.00 37.02 ? 14  DG  B C4    1 
ATOM   285 P P     . DG  B 1 5  ? -6.820  5.742   -1.413  1.00 42.39 ? 15  DG  B P     1 
ATOM   286 O OP1   . DG  B 1 5  ? -7.450  7.007   -0.994  1.00 47.38 ? 15  DG  B OP1   1 
ATOM   287 O OP2   . DG  B 1 5  ? -5.367  5.527   -1.291  1.00 40.13 ? 15  DG  B OP2   1 
ATOM   288 O "O5'" . DG  B 1 5  ? -7.532  4.548   -0.679  1.00 47.13 ? 15  DG  B "O5'" 1 
ATOM   289 C "C5'" . DG  B 1 5  ? -8.959  4.531   -0.547  1.00 43.51 ? 15  DG  B "C5'" 1 
ATOM   290 C "C4'" . DG  B 1 5  ? -9.414  3.238   0.097   1.00 41.18 ? 15  DG  B "C4'" 1 
ATOM   291 O "O4'" . DG  B 1 5  ? -8.942  2.143   -0.735  1.00 44.19 ? 15  DG  B "O4'" 1 
ATOM   292 C "C3'" . DG  B 1 5  ? -8.765  2.974   1.417   1.00 45.56 ? 15  DG  B "C3'" 1 
ATOM   293 O "O3'" . DG  B 1 5  ? -9.484  3.699   2.392   1.00 44.82 ? 15  DG  B "O3'" 1 
ATOM   294 C "C2'" . DG  B 1 5  ? -9.092  1.494   1.546   1.00 37.55 ? 15  DG  B "C2'" 1 
ATOM   295 C "C1'" . DG  B 1 5  ? -8.706  1.006   0.131   1.00 35.56 ? 15  DG  B "C1'" 1 
ATOM   296 N N9    . DG  B 1 5  ? -7.299  0.602   0.039   1.00 34.29 ? 15  DG  B N9    1 
ATOM   297 C C8    . DG  B 1 5  ? -6.209  1.267   -0.475  1.00 25.31 ? 15  DG  B C8    1 
ATOM   298 N N7    . DG  B 1 5  ? -5.122  0.570   -0.420  1.00 25.95 ? 15  DG  B N7    1 
ATOM   299 C C5    . DG  B 1 5  ? -5.510  -0.639  0.150   1.00 33.60 ? 15  DG  B C5    1 
ATOM   300 C C6    . DG  B 1 5  ? -4.745  -1.747  0.508   1.00 28.97 ? 15  DG  B C6    1 
ATOM   301 O O6    . DG  B 1 5  ? -3.556  -1.884  0.254   1.00 27.13 ? 15  DG  B O6    1 
ATOM   302 N N1    . DG  B 1 5  ? -5.471  -2.720  1.161   1.00 30.84 ? 15  DG  B N1    1 
ATOM   303 C C2    . DG  B 1 5  ? -6.800  -2.629  1.424   1.00 18.21 ? 15  DG  B C2    1 
ATOM   304 N N2    . DG  B 1 5  ? -7.396  -3.613  2.088   1.00 19.49 ? 15  DG  B N2    1 
ATOM   305 N N3    . DG  B 1 5  ? -7.540  -1.577  1.078   1.00 30.42 ? 15  DG  B N3    1 
ATOM   306 C C4    . DG  B 1 5  ? -6.828  -0.620  0.447   1.00 31.39 ? 15  DG  B C4    1 
ATOM   307 P P     . DC  B 1 6  ? -8.621  4.332   3.589   1.00 40.19 ? 16  DC  B P     1 
ATOM   308 O OP1   . DC  B 1 6  ? -9.486  5.221   4.362   1.00 51.97 ? 16  DC  B OP1   1 
ATOM   309 O OP2   . DC  B 1 6  ? -7.368  4.873   3.057   1.00 46.98 ? 16  DC  B OP2   1 
ATOM   310 O "O5'" . DC  B 1 6  ? -8.259  3.069   4.513   1.00 39.43 ? 16  DC  B "O5'" 1 
ATOM   311 C "C5'" . DC  B 1 6  ? -9.262  2.394   5.282   1.00 40.48 ? 16  DC  B "C5'" 1 
ATOM   312 C "C4'" . DC  B 1 6  ? -8.716  1.118   5.817   1.00 33.28 ? 16  DC  B "C4'" 1 
ATOM   313 O "O4'" . DC  B 1 6  ? -8.208  0.429   4.687   1.00 41.35 ? 16  DC  B "O4'" 1 
ATOM   314 C "C3'" . DC  B 1 6  ? -7.509  1.297   6.674   1.00 34.81 ? 16  DC  B "C3'" 1 
ATOM   315 O "O3'" . DC  B 1 6  ? -7.938  1.556   8.005   1.00 44.92 ? 16  DC  B "O3'" 1 
ATOM   316 C "C2'" . DC  B 1 6  ? -6.993  -0.126  6.612   1.00 39.06 ? 16  DC  B "C2'" 1 
ATOM   317 C "C1'" . DC  B 1 6  ? -7.089  -0.373  5.117   1.00 34.62 ? 16  DC  B "C1'" 1 
ATOM   318 N N1    . DC  B 1 6  ? -5.814  -0.172  4.355   1.00 34.16 ? 16  DC  B N1    1 
ATOM   319 C C2    . DC  B 1 6  ? -4.876  -1.178  4.369   1.00 25.01 ? 16  DC  B C2    1 
ATOM   320 O O2    . DC  B 1 6  ? -5.073  -2.246  4.905   1.00 31.84 ? 16  DC  B O2    1 
ATOM   321 N N3    . DC  B 1 6  ? -3.715  -0.989  3.739   1.00 24.21 ? 16  DC  B N3    1 
ATOM   322 C C4    . DC  B 1 6  ? -3.459  0.146   3.096   1.00 34.21 ? 16  DC  B C4    1 
ATOM   323 N N4    . DC  B 1 6  ? -2.297  0.304   2.489   1.00 26.64 ? 16  DC  B N4    1 
ATOM   324 C C5    . DC  B 1 6  ? -4.409  1.202   3.051   1.00 32.61 ? 16  DC  B C5    1 
ATOM   325 C C6    . DC  B 1 6  ? -5.562  0.990   3.695   1.00 37.01 ? 16  DC  B C6    1 
ATOM   326 P P     . DC  B 1 7  ? -6.951  2.344   9.045   1.00 42.55 ? 17  DC  B P     1 
ATOM   327 O OP1   . DC  B 1 7  ? -7.774  2.755   10.219  1.00 41.70 ? 17  DC  B OP1   1 
ATOM   328 O OP2   . DC  B 1 7  ? -6.158  3.372   8.337   1.00 46.05 ? 17  DC  B OP2   1 
ATOM   329 O "O5'" . DC  B 1 7  ? -6.000  1.191   9.545   1.00 40.14 ? 17  DC  B "O5'" 1 
ATOM   330 C "C5'" . DC  B 1 7  ? -6.474  0.196   10.432  1.00 38.07 ? 17  DC  B "C5'" 1 
ATOM   331 C "C4'" . DC  B 1 7  ? -5.405  -0.847  10.566  1.00 37.92 ? 17  DC  B "C4'" 1 
ATOM   332 O "O4'" . DC  B 1 7  ? -5.144  -1.416  9.291   1.00 43.45 ? 17  DC  B "O4'" 1 
ATOM   333 C "C3'" . DC  B 1 7  ? -4.057  -0.269  10.978  1.00 40.55 ? 17  DC  B "C3'" 1 
ATOM   334 O "O3'" . DC  B 1 7  ? -4.046  -0.074  12.427  1.00 47.11 ? 17  DC  B "O3'" 1 
ATOM   335 C "C2'" . DC  B 1 7  ? -3.201  -1.481  10.674  1.00 35.75 ? 17  DC  B "C2'" 1 
ATOM   336 C "C1'" . DC  B 1 7  ? -3.773  -1.841  9.287   1.00 37.59 ? 17  DC  B "C1'" 1 
ATOM   337 N N1    . DC  B 1 7  ? -2.962  -1.252  8.219   1.00 42.49 ? 17  DC  B N1    1 
ATOM   338 C C2    . DC  B 1 7  ? -1.733  -1.817  7.952   1.00 28.40 ? 17  DC  B C2    1 
ATOM   339 O O2    . DC  B 1 7  ? -1.331  -2.825  8.548   1.00 32.33 ? 17  DC  B O2    1 
ATOM   340 N N3    . DC  B 1 7  ? -0.966  -1.252  6.993   1.00 34.36 ? 17  DC  B N3    1 
ATOM   341 C C4    . DC  B 1 7  ? -1.370  -0.191  6.317   1.00 23.56 ? 17  DC  B C4    1 
ATOM   342 N N4    . DC  B 1 7  ? -0.587  0.347   5.390   1.00 30.27 ? 17  DC  B N4    1 
ATOM   343 C C5    . DC  B 1 7  ? -2.637  0.396   6.582   1.00 37.21 ? 17  DC  B C5    1 
ATOM   344 C C6    . DC  B 1 7  ? -3.392  -0.168  7.535   1.00 28.32 ? 17  DC  B C6    1 
HETATM 345 N N1    . 5CM B 1 8  ? 0.966   0.022   10.024  1.00 38.54 ? 18  5CM B N1    1 
HETATM 346 C C2    . 5CM B 1 8  ? 1.947   0.018   9.028   1.00 37.75 ? 18  5CM B C2    1 
HETATM 347 N N3    . 5CM B 1 8  ? 1.877   0.924   8.026   1.00 37.34 ? 18  5CM B N3    1 
HETATM 348 C C4    . 5CM B 1 8  ? 0.906   1.798   8.000   1.00 36.82 ? 18  5CM B C4    1 
HETATM 349 C C5    . 5CM B 1 8  ? -0.121  1.827   9.003   1.00 37.28 ? 18  5CM B C5    1 
HETATM 350 C C5A   . 5CM B 1 8  ? -1.241  2.841   9.001   1.00 36.17 ? 18  5CM B C5A   1 
HETATM 351 C C6    . 5CM B 1 8  ? -0.065  0.926   9.986   1.00 37.28 ? 18  5CM B C6    1 
HETATM 352 O O2    . 5CM B 1 8  ? 2.872   -0.793  9.048   1.00 37.64 ? 18  5CM B O2    1 
HETATM 353 N N4    . 5CM B 1 8  ? 0.918   2.647   6.994   1.00 31.62 ? 18  5CM B N4    1 
HETATM 354 C "C1'" . 5CM B 1 8  ? 1.120   -0.937  11.133  1.00 37.97 ? 18  5CM B "C1'" 1 
HETATM 355 C "C2'" . 5CM B 1 8  ? 2.137   -0.478  12.164  1.00 40.76 ? 18  5CM B "C2'" 1 
HETATM 356 C "C3'" . 5CM B 1 8  ? 1.244   0.166   13.203  1.00 46.23 ? 18  5CM B "C3'" 1 
HETATM 357 C "C4'" . 5CM B 1 8  ? 0.178   -0.906  13.270  1.00 41.26 ? 18  5CM B "C4'" 1 
HETATM 358 O "O4'" . 5CM B 1 8  ? -0.072  -1.178  11.864  1.00 42.25 ? 18  5CM B "O4'" 1 
HETATM 359 O "O3'" . 5CM B 1 8  ? 1.963   0.194   14.439  1.00 47.35 ? 18  5CM B "O3'" 1 
HETATM 360 C "C5'" . 5CM B 1 8  ? -1.161  -0.443  13.852  1.00 46.58 ? 18  5CM B "C5'" 1 
HETATM 361 O "O5'" . 5CM B 1 8  ? -1.699  0.608   13.004  1.00 51.31 ? 18  5CM B "O5'" 1 
HETATM 362 P P     . 5CM B 1 8  ? -3.225  1.142   13.110  1.00 53.91 ? 18  5CM B P     1 
HETATM 363 O OP1   . 5CM B 1 8  ? -3.606  1.167   14.530  1.00 49.86 ? 18  5CM B OP1   1 
HETATM 364 O OP2   . 5CM B 1 8  ? -3.352  2.311   12.212  1.00 47.30 ? 18  5CM B OP2   1 
ATOM   365 P P     . DG  B 1 9  ? 2.744   1.510   14.884  1.00 45.85 ? 19  DG  B P     1 
ATOM   366 O OP1   . DG  B 1 9  ? 2.947   1.414   16.330  1.00 48.09 ? 19  DG  B OP1   1 
ATOM   367 O OP2   . DG  B 1 9  ? 2.118   2.719   14.308  1.00 35.38 ? 19  DG  B OP2   1 
ATOM   368 O "O5'" . DG  B 1 9  ? 4.115   1.413   14.080  1.00 36.44 ? 19  DG  B "O5'" 1 
ATOM   369 C "C5'" . DG  B 1 9  ? 5.156   0.483   14.356  1.00 31.00 ? 19  DG  B "C5'" 1 
ATOM   370 C "C4'" . DG  B 1 9  ? 6.147   0.483   13.200  1.00 35.13 ? 19  DG  B "C4'" 1 
ATOM   371 O "O4'" . DG  B 1 9  ? 5.428   0.299   11.963  1.00 33.19 ? 19  DG  B "O4'" 1 
ATOM   372 C "C3'" . DG  B 1 9  ? 6.936   1.720   12.965  1.00 35.10 ? 19  DG  B "C3'" 1 
ATOM   373 O "O3'" . DG  B 1 9  ? 8.039   1.673   13.882  1.00 33.55 ? 19  DG  B "O3'" 1 
ATOM   374 C "C2'" . DG  B 1 9  ? 7.463   1.376   11.572  1.00 29.81 ? 19  DG  B "C2'" 1 
ATOM   375 C "C1'" . DG  B 1 9  ? 6.181   0.898   10.914  1.00 39.41 ? 19  DG  B "C1'" 1 
ATOM   376 N N9    . DG  B 1 9  ? 5.441   1.989   10.225  1.00 28.27 ? 19  DG  B N9    1 
ATOM   377 C C8    . DG  B 1 9  ? 4.195   2.524   10.488  1.00 31.92 ? 19  DG  B C8    1 
ATOM   378 N N7    . DG  B 1 9  ? 3.810   3.415   9.594   1.00 27.85 ? 19  DG  B N7    1 
ATOM   379 C C5    . DG  B 1 9  ? 4.864   3.477   8.702   1.00 26.11 ? 19  DG  B C5    1 
ATOM   380 C C6    . DG  B 1 9  ? 5.010   4.245   7.543   1.00 26.19 ? 19  DG  B C6    1 
ATOM   381 O O6    . DG  B 1 9  ? 4.268   5.098   7.046   1.00 25.43 ? 19  DG  B O6    1 
ATOM   382 N N1    . DG  B 1 9  ? 6.212   3.999   6.953   1.00 17.52 ? 19  DG  B N1    1 
ATOM   383 C C2    . DG  B 1 9  ? 7.132   3.104   7.395   1.00 24.32 ? 19  DG  B C2    1 
ATOM   384 N N2    . DG  B 1 9  ? 8.263   2.999   6.724   1.00 24.28 ? 19  DG  B N2    1 
ATOM   385 N N3    . DG  B 1 9  ? 7.001   2.415   8.496   1.00 19.64 ? 19  DG  B N3    1 
ATOM   386 C C4    . DG  B 1 9  ? 5.852   2.641   9.098   1.00 34.70 ? 19  DG  B C4    1 
ATOM   387 P P     . DG  B 1 10 ? 8.930   2.942   14.245  1.00 32.85 ? 20  DG  B P     1 
ATOM   388 O OP1   . DG  B 1 10 ? 9.843   2.550   15.320  1.00 31.32 ? 20  DG  B OP1   1 
ATOM   389 O OP2   . DG  B 1 10 ? 8.037   4.104   14.395  1.00 26.35 ? 20  DG  B OP2   1 
ATOM   390 O "O5'" . DG  B 1 10 ? 9.789   3.165   12.935  1.00 36.36 ? 20  DG  B "O5'" 1 
ATOM   391 C "C5'" . DG  B 1 10 ? 10.959  2.371   12.608  1.00 29.68 ? 20  DG  B "C5'" 1 
ATOM   392 C "C4'" . DG  B 1 10 ? 11.614  2.953   11.373  1.00 34.75 ? 20  DG  B "C4'" 1 
ATOM   393 O "O4'" . DG  B 1 10 ? 10.663  3.016   10.360  1.00 31.35 ? 20  DG  B "O4'" 1 
ATOM   394 C "C3'" . DG  B 1 10 ? 12.015  4.395   11.600  1.00 22.91 ? 20  DG  B "C3'" 1 
ATOM   395 O "O3'" . DG  B 1 10 ? 13.311  4.292   12.220  1.00 33.07 ? 20  DG  B "O3'" 1 
ATOM   396 C "C2'" . DG  B 1 10 ? 12.073  4.911   10.188  1.00 26.37 ? 20  DG  B "C2'" 1 
ATOM   397 C "C1'" . DG  B 1 10 ? 10.903  4.192   9.576   1.00 29.25 ? 20  DG  B "C1'" 1 
ATOM   398 N N9    . DG  B 1 10 ? 9.670   4.976   9.457   1.00 29.47 ? 20  DG  B N9    1 
ATOM   399 C C8    . DG  B 1 10 ? 8.559   4.982   10.234  1.00 32.57 ? 20  DG  B C8    1 
ATOM   400 N N7    . DG  B 1 10 ? 7.577   5.734   9.791   1.00 22.14 ? 20  DG  B N7    1 
ATOM   401 C C5    . DG  B 1 10 ? 8.105   6.260   8.628   1.00 28.14 ? 20  DG  B C5    1 
ATOM   402 C C6    . DG  B 1 10 ? 7.518   7.171   7.682   1.00 23.58 ? 20  DG  B C6    1 
ATOM   403 O O6    . DG  B 1 10 ? 6.401   7.662   7.692   1.00 34.17 ? 20  DG  B O6    1 
ATOM   404 N N1    . DG  B 1 10 ? 8.368   7.499   6.645   1.00 22.14 ? 20  DG  B N1    1 
ATOM   405 C C2    . DG  B 1 10 ? 9.626   6.991   6.532   1.00 33.63 ? 20  DG  B C2    1 
ATOM   406 N N2    . DG  B 1 10 ? 10.255  7.454   5.484   1.00 28.37 ? 20  DG  B N2    1 
ATOM   407 N N3    . DG  B 1 10 ? 10.215  6.124   7.384   1.00 30.98 ? 20  DG  B N3    1 
ATOM   408 C C4    . DG  B 1 10 ? 9.384   5.809   8.419   1.00 27.76 ? 20  DG  B C4    1 
HETATM 409 N N1    . SPM C 2 .  ? 3.510   7.734   8.700   1.00 55.85 ? 25  SPM B N1    1 
HETATM 410 C C2    . SPM C 2 .  ? 4.217   7.894   9.971   1.00 52.75 ? 25  SPM B C2    1 
HETATM 411 C C3    . SPM C 2 .  ? 4.546   6.506   10.542  1.00 53.84 ? 25  SPM B C3    1 
HETATM 412 C C4    . SPM C 2 .  ? 5.329   6.656   11.843  1.00 61.16 ? 25  SPM B C4    1 
HETATM 413 N N5    . SPM C 2 .  ? 5.155   5.515   12.752  1.00 63.01 ? 25  SPM B N5    1 
HETATM 414 C C6    . SPM C 2 .  ? 5.016   6.106   14.096  1.00 62.76 ? 25  SPM B C6    1 
HETATM 415 C C7    . SPM C 2 .  ? 4.968   5.033   15.171  1.00 58.84 ? 25  SPM B C7    1 
HETATM 416 C C8    . SPM C 2 .  ? 5.676   5.542   16.448  1.00 65.52 ? 25  SPM B C8    1 
HETATM 417 C C9    . SPM C 2 .  ? 6.009   4.336   17.335  1.00 54.23 ? 25  SPM B C9    1 
HETATM 418 N N10   . SPM C 2 .  ? 7.243   4.609   18.079  1.00 63.28 ? 25  SPM B N10   1 
HETATM 419 C C11   . SPM C 2 .  ? 7.995   3.359   18.168  1.00 60.01 ? 25  SPM B C11   1 
HETATM 420 C C12   . SPM C 2 .  ? 9.409   3.668   18.617  1.00 67.34 ? 25  SPM B C12   1 
HETATM 421 C C13   . SPM C 2 .  ? 10.321  2.424   18.525  1.00 67.38 ? 25  SPM B C13   1 
HETATM 422 N N14   . SPM C 2 .  ? 11.681  2.813   18.907  1.00 64.29 ? 25  SPM B N14   1 
HETATM 423 O O     . HOH D 3 .  ? -11.757 -6.925  -16.121 1.00 37.88 ? 26  HOH A O     1 
HETATM 424 O O     . HOH D 3 .  ? -5.294  -7.179  -12.299 1.00 54.87 ? 28  HOH A O     1 
HETATM 425 O O     . HOH D 3 .  ? -2.410  -5.392  -8.826  1.00 76.88 ? 29  HOH A O     1 
HETATM 426 O O     . HOH D 3 .  ? -5.596  -6.796  -9.077  1.00 53.89 ? 30  HOH A O     1 
HETATM 427 O O     . HOH D 3 .  ? -6.717  -9.141  -7.828  1.00 53.19 ? 31  HOH A O     1 
HETATM 428 O O     . HOH D 3 .  ? -8.998  -11.013 -8.932  1.00 54.89 ? 32  HOH A O     1 
HETATM 429 O O     . HOH D 3 .  ? -4.302  -10.216 -3.589  1.00 54.04 ? 33  HOH A O     1 
HETATM 430 O O     . HOH D 3 .  ? -0.622  -5.855  -5.036  1.00 57.56 ? 34  HOH A O     1 
HETATM 431 O O     . HOH D 3 .  ? -1.571  -9.480  -0.807  1.00 40.77 ? 35  HOH A O     1 
HETATM 432 O O     . HOH D 3 .  ? -9.911  -13.932 0.434   1.00 61.68 ? 36  HOH A O     1 
HETATM 433 O O     . HOH D 3 .  ? -1.708  -13.783 -4.115  1.00 73.32 ? 37  HOH A O     1 
HETATM 434 O O     . HOH D 3 .  ? -0.817  -13.686 -1.606  1.00 72.55 ? 38  HOH A O     1 
HETATM 435 O O     . HOH D 3 .  ? 0.640   -5.171  -0.974  1.00 61.83 ? 39  HOH A O     1 
HETATM 436 O O     . HOH D 3 .  ? -1.786  -9.488  7.199   1.00 54.81 ? 41  HOH A O     1 
HETATM 437 O O     . HOH D 3 .  ? -1.416  -6.314  6.914   1.00 47.21 ? 42  HOH A O     1 
HETATM 438 O O     . HOH D 3 .  ? -2.979  -9.177  9.708   1.00 72.67 ? 44  HOH A O     1 
HETATM 439 O O     . HOH D 3 .  ? 6.105   -18.626 4.005   1.00 57.33 ? 46  HOH A O     1 
HETATM 440 O O     . HOH D 3 .  ? 5.270   -4.781  0.646   1.00 54.10 ? 47  HOH A O     1 
HETATM 441 O O     . HOH D 3 .  ? 7.986   -15.179 -1.652  1.00 65.49 ? 48  HOH A O     1 
HETATM 442 O O     . HOH D 3 .  ? 4.610   -0.844  1.527   1.00 45.57 ? 49  HOH A O     1 
HETATM 443 O O     . HOH D 3 .  ? 7.189   -1.670  -1.129  1.00 42.91 ? 50  HOH A O     1 
HETATM 444 O O     . HOH D 3 .  ? 5.765   0.686   -0.515  1.00 56.12 ? 51  HOH A O     1 
HETATM 445 O O     . HOH D 3 .  ? 1.427   1.640   -0.214  1.00 58.18 ? 52  HOH A O     1 
HETATM 446 O O     . HOH D 3 .  ? 7.584   0.302   -4.000  1.00 60.22 ? 53  HOH A O     1 
HETATM 447 O O     . HOH D 3 .  ? 12.416  1.885   -4.235  1.00 60.99 ? 54  HOH A O     1 
HETATM 448 O O     . HOH D 3 .  ? 4.131   9.116   -1.270  1.00 49.52 ? 55  HOH A O     1 
HETATM 449 O O     . HOH D 3 .  ? 5.282   11.035  -4.282  1.00 75.05 ? 56  HOH A O     1 
HETATM 450 O O     . HOH D 3 .  ? 6.891   16.158  -1.069  1.00 67.10 ? 57  HOH A O     1 
HETATM 451 O O     . HOH D 3 .  ? 10.001  13.593  -2.864  1.00 60.64 ? 59  HOH A O     1 
HETATM 452 O O     . HOH D 3 .  ? 11.416  11.582  -1.625  1.00 57.83 ? 60  HOH A O     1 
HETATM 453 O O     . HOH D 3 .  ? 12.890  -0.702  -1.015  1.00 58.68 ? 65  HOH A O     1 
HETATM 454 O O     . HOH D 3 .  ? -7.530  1.641   -12.441 1.00 33.86 ? 73  HOH A O     1 
HETATM 455 O O     . HOH D 3 .  ? 1.023   6.812   4.651   1.00 67.56 ? 80  HOH A O     1 
HETATM 456 O O     . HOH D 3 .  ? 1.590   0.577   2.513   1.00 49.11 ? 81  HOH A O     1 
HETATM 457 O O     . HOH D 3 .  ? 10.737  4.292   -4.797  1.00 59.18 ? 87  HOH A O     1 
HETATM 458 O O     . HOH D 3 .  ? -11.172 -3.325  -18.147 1.00 67.77 ? 90  HOH A O     1 
HETATM 459 O O     . HOH D 3 .  ? -1.826  -8.913  -4.099  1.00 66.43 ? 91  HOH A O     1 
HETATM 460 O O     . HOH D 3 .  ? -11.319 -11.467 -7.060  1.00 65.24 ? 92  HOH A O     1 
HETATM 461 O O     . HOH D 3 .  ? 1.965   -1.041  0.405   1.00 67.47 ? 93  HOH A O     1 
HETATM 462 O O     . HOH D 3 .  ? -5.524  -14.350 -2.956  1.00 71.43 ? 104 HOH A O     1 
HETATM 463 O O     . HOH D 3 .  ? 0.254   -14.843 2.502   1.00 84.65 ? 105 HOH A O     1 
HETATM 464 O O     . HOH D 3 .  ? 7.728   5.516   -5.119  1.00 58.98 ? 107 HOH A O     1 
HETATM 465 O O     . HOH D 3 .  ? 9.059   11.040  -4.253  1.00 72.07 ? 110 HOH A O     1 
HETATM 466 O O     . HOH D 3 .  ? 3.769   4.192   1.724   1.00 52.45 ? 111 HOH A O     1 
HETATM 467 O O     . HOH D 3 .  ? 1.935   4.446   3.656   1.00 61.01 ? 112 HOH A O     1 
HETATM 468 O O     . HOH D 3 .  ? 3.671   11.505  8.016   1.00 62.48 ? 113 HOH A O     1 
HETATM 469 O O     . HOH E 3 .  ? -7.260  6.636   -8.922  1.00 59.85 ? 27  HOH B O     1 
HETATM 470 O O     . HOH E 3 .  ? -1.985  6.521   14.944  1.00 50.12 ? 40  HOH B O     1 
HETATM 471 O O     . HOH E 3 .  ? -2.044  -5.355  9.031   1.00 38.22 ? 43  HOH B O     1 
HETATM 472 O O     . HOH E 3 .  ? -2.085  4.849   17.380  1.00 46.53 ? 45  HOH B O     1 
HETATM 473 O O     . HOH E 3 .  ? 1.250   5.931   9.919   1.00 58.34 ? 58  HOH B O     1 
HETATM 474 O O     . HOH E 3 .  ? 1.951   6.208   7.140   1.00 44.15 ? 61  HOH B O     1 
HETATM 475 O O     . HOH E 3 .  ? 3.572   1.798   18.919  1.00 52.38 ? 62  HOH B O     1 
HETATM 476 O O     . HOH E 3 .  ? -4.126  3.265   6.485   1.00 40.88 ? 63  HOH B O     1 
HETATM 477 O O     . HOH E 3 .  ? -4.246  4.792   1.875   1.00 30.99 ? 64  HOH B O     1 
HETATM 478 O O     . HOH E 3 .  ? -1.766  -0.617  -0.992  1.00 57.63 ? 66  HOH B O     1 
HETATM 479 O O     . HOH E 3 .  ? -2.965  2.541   -1.219  1.00 52.83 ? 67  HOH B O     1 
HETATM 480 O O     . HOH E 3 .  ? -1.099  3.543   -3.592  1.00 70.62 ? 68  HOH B O     1 
HETATM 481 O O     . HOH E 3 .  ? -0.397  1.560   -5.095  1.00 46.98 ? 69  HOH B O     1 
HETATM 482 O O     . HOH E 3 .  ? 1.017   -0.897  -7.528  1.00 73.64 ? 70  HOH B O     1 
HETATM 483 O O     . HOH E 3 .  ? 1.778   2.164   -8.096  1.00 47.07 ? 71  HOH B O     1 
HETATM 484 O O     . HOH E 3 .  ? 7.227   13.826  20.393  1.00 51.88 ? 72  HOH B O     1 
HETATM 485 O O     . HOH E 3 .  ? 1.922   6.353   15.670  1.00 54.83 ? 74  HOH B O     1 
HETATM 486 O O     . HOH E 3 .  ? -11.261 3.812   -11.142 1.00 50.02 ? 75  HOH B O     1 
HETATM 487 O O     . HOH E 3 .  ? -4.273  4.261   11.425  1.00 65.91 ? 76  HOH B O     1 
HETATM 488 O O     . HOH E 3 .  ? -3.627  6.435   12.814  1.00 66.85 ? 77  HOH B O     1 
HETATM 489 O O     . HOH E 3 .  ? -1.620  7.875   8.733   1.00 57.68 ? 78  HOH B O     1 
HETATM 490 O O     . HOH E 3 .  ? -5.716  7.531   11.106  1.00 65.45 ? 79  HOH B O     1 
HETATM 491 O O     . HOH E 3 .  ? -6.469  -3.310  7.880   1.00 56.58 ? 82  HOH B O     1 
HETATM 492 O O     . HOH E 3 .  ? 0.580   3.869   -6.077  1.00 62.88 ? 83  HOH B O     1 
HETATM 493 O O     . HOH E 3 .  ? 1.824   9.355   -10.382 1.00 55.27 ? 84  HOH B O     1 
HETATM 494 O O     . HOH E 3 .  ? 4.932   6.788   -11.014 1.00 50.90 ? 85  HOH B O     1 
HETATM 495 O O     . HOH E 3 .  ? 7.868   5.825   -7.992  1.00 52.65 ? 86  HOH B O     1 
HETATM 496 O O     . HOH E 3 .  ? 6.935   -0.798  -9.238  1.00 73.00 ? 88  HOH B O     1 
HETATM 497 O O     . HOH E 3 .  ? 2.153   -7.892  -11.637 1.00 69.50 ? 89  HOH B O     1 
HETATM 498 O O     . HOH E 3 .  ? -13.323 4.157   -9.393  1.00 56.51 ? 94  HOH B O     1 
HETATM 499 O O     . HOH E 3 .  ? 5.856   0.093   18.036  1.00 73.25 ? 95  HOH B O     1 
HETATM 500 O O     . HOH E 3 .  ? -5.351  8.080   2.113   1.00 66.48 ? 96  HOH B O     1 
HETATM 501 O O     . HOH E 3 .  ? -1.652  4.005   12.831  1.00 69.06 ? 97  HOH B O     1 
HETATM 502 O O     . HOH E 3 .  ? -5.696  4.693   4.987   1.00 80.08 ? 98  HOH B O     1 
HETATM 503 O O     . HOH E 3 .  ? -2.438  6.224   -1.751  1.00 81.37 ? 99  HOH B O     1 
HETATM 504 O O     . HOH E 3 .  ? -0.370  -1.686  -4.358  1.00 57.93 ? 100 HOH B O     1 
HETATM 505 O O     . HOH E 3 .  ? -0.234  4.439   15.628  1.00 71.64 ? 101 HOH B O     1 
HETATM 506 O O     . HOH E 3 .  ? -7.462  2.650   -9.535  1.00 58.48 ? 102 HOH B O     1 
HETATM 507 O O     . HOH E 3 .  ? 4.241   -5.986  -9.439  1.00 66.28 ? 103 HOH B O     1 
HETATM 508 O O     . HOH E 3 .  ? 14.604  2.426   18.977  1.00 64.38 ? 106 HOH B O     1 
HETATM 509 O O     . HOH E 3 .  ? 5.133   5.430   -8.637  1.00 60.39 ? 108 HOH B O     1 
HETATM 510 O O     . HOH E 3 .  ? 3.497   6.874   -5.765  1.00 58.63 ? 109 HOH B O     1 
HETATM 511 O O     . HOH E 3 .  ? -9.384  6.031   -11.409 1.00 58.51 ? 114 HOH B O     1 
HETATM 512 O O     . HOH E 3 .  ? -10.139 4.555   -8.948  1.00 58.49 ? 115 HOH B O     1 
HETATM 513 O O     . HOH E 3 .  ? -12.018 1.115   0.114   1.00 74.06 ? 116 HOH B O     1 
HETATM 514 O O     . HOH E 3 .  ? -6.505  5.174   -11.296 1.00 73.09 ? 117 HOH B O     1 
HETATM 515 O O     . HOH E 3 .  ? -1.546  7.952   2.504   1.00 62.95 ? 118 HOH B O     1 
HETATM 516 O O     . HOH E 3 .  ? -2.883  9.159   -0.184  1.00 68.54 ? 119 HOH B O     1 
HETATM 517 O O     . HOH E 3 .  ? 5.025   8.618   -9.228  1.00 61.87 ? 120 HOH B O     1 
HETATM 518 O O     . HOH E 3 .  ? 4.995   -2.901  -9.646  1.00 64.96 ? 121 HOH B O     1 
HETATM 519 O O     . HOH E 3 .  ? 8.651   2.731   -7.105  1.00 79.02 ? 122 HOH B O     1 
# 
